data_3W7I
#
_entry.id   3W7I
#
_cell.length_a   68.021
_cell.length_b   71.615
_cell.length_c   129.548
_cell.angle_alpha   90.000
_cell.angle_beta   90.000
_cell.angle_gamma   90.000
#
_symmetry.space_group_name_H-M   'P 21 21 21'
#
loop_
_entity.id
_entity.type
_entity.pdbx_description
1 polymer 'Dihydroorotate dehydrogenase (fumarate)'
2 non-polymer '5-[2-(3-methoxynaphthalen-2-yl)ethyl]-2,6-dioxo-1,2,3,6-tetrahydropyrimidine-4-carboxylic acid'
3 non-polymer GLYCEROL
4 non-polymer 'FLAVIN MONONUCLEOTIDE'
5 non-polymer 'COBALT HEXAMMINE(III)'
6 water water
#
_entity_poly.entity_id   1
_entity_poly.type   'polypeptide(L)'
_entity_poly.pdbx_seq_one_letter_code
;MCLKLNLLDHVFANPFMNAAGVLCSTEEDLRCMTASSSGALVSKSCTSAPRDGNPEPRYMAFPLGSINSMGLPNLGFDFY
LKYASDLHDYSKKPLFLSISGLSVEENVAMVRRLAPVAQEKGVLLELNLSCPNVPGKPQVAYDFEAMRTYLQQVSLAYGL
PFGVKMPPYFDIAHFDTAAAVLNEFPLVKFVTCVNSVGNGLVIDAESESVVIKPKQGFGGLGGKYILPTALANVNAFYRR
CPDKLVFGCGGVYSGEDAFLHILAGASMVQVGTALQEEGPGIFTRLEDELLEIMARKGYRTLEEFRGRVKTIE
;
_entity_poly.pdbx_strand_id   A,B
#
loop_
_chem_comp.id
_chem_comp.type
_chem_comp.name
_chem_comp.formula
FMN non-polymer 'FLAVIN MONONUCLEOTIDE' 'C17 H21 N4 O9 P'
GOL non-polymer GLYCEROL 'C3 H8 O3'
NCO non-polymer 'COBALT HEXAMMINE(III)' 'Co H18 N6 3'
W7I non-polymer '5-[2-(3-methoxynaphthalen-2-yl)ethyl]-2,6-dioxo-1,2,3,6-tetrahydropyrimidine-4-carboxylic acid' 'C18 H16 N2 O5'
#
# COMPACT_ATOMS: atom_id res chain seq x y z
N MET A 1 -13.20 -4.97 34.12
CA MET A 1 -12.69 -4.74 32.77
C MET A 1 -13.56 -5.52 31.81
N CYS A 2 -13.99 -4.90 30.73
CA CYS A 2 -14.77 -5.65 29.74
C CYS A 2 -14.62 -5.20 28.32
N LEU A 3 -14.81 -6.14 27.43
CA LEU A 3 -14.70 -5.84 26.01
C LEU A 3 -16.06 -5.58 25.33
N LYS A 4 -17.13 -5.52 26.10
CA LYS A 4 -18.47 -5.42 25.56
C LYS A 4 -18.65 -4.14 24.77
N LEU A 5 -19.40 -4.21 23.67
CA LEU A 5 -19.82 -3.04 22.94
C LEU A 5 -21.29 -3.12 22.63
N ASN A 6 -21.92 -1.97 22.51
CA ASN A 6 -23.29 -1.89 22.05
C ASN A 6 -23.28 -0.95 20.89
N LEU A 7 -23.59 -1.42 19.70
CA LEU A 7 -23.69 -0.53 18.58
C LEU A 7 -24.56 -1.08 17.48
N LEU A 8 -25.04 -0.18 16.65
CA LEU A 8 -25.94 -0.55 15.60
C LEU A 8 -27.16 -1.31 16.15
N ASP A 9 -27.58 -0.97 17.37
CA ASP A 9 -28.67 -1.70 18.06
C ASP A 9 -28.46 -3.18 18.26
N HIS A 10 -27.18 -3.54 18.39
CA HIS A 10 -26.80 -4.88 18.79
C HIS A 10 -25.82 -4.82 19.89
N VAL A 11 -25.72 -5.95 20.58
CA VAL A 11 -24.79 -6.11 21.65
C VAL A 11 -23.73 -7.14 21.25
N PHE A 12 -22.46 -6.82 21.53
CA PHE A 12 -21.34 -7.64 21.13
C PHE A 12 -20.49 -7.97 22.35
N ALA A 13 -20.14 -9.23 22.52
CA ALA A 13 -19.36 -9.59 23.71
C ALA A 13 -17.98 -8.98 23.70
N ASN A 14 -17.45 -8.78 22.48
CA ASN A 14 -16.10 -8.26 22.32
C ASN A 14 -16.05 -7.70 20.86
N PRO A 15 -15.03 -6.96 20.53
CA PRO A 15 -15.03 -6.32 19.20
C PRO A 15 -14.54 -7.17 18.04
N PHE A 16 -14.18 -8.40 18.31
CA PHE A 16 -13.49 -9.21 17.22
C PHE A 16 -14.46 -9.92 16.37
N MET A 17 -14.12 -10.00 15.09
CA MET A 17 -14.89 -10.79 14.13
C MET A 17 -13.97 -11.21 13.04
N ASN A 18 -14.41 -12.18 12.26
CA ASN A 18 -13.67 -12.44 10.99
C ASN A 18 -13.75 -11.33 10.03
N ALA A 19 -12.72 -11.20 9.17
CA ALA A 19 -12.80 -10.36 7.93
C ALA A 19 -13.58 -11.11 6.83
N ALA A 20 -14.36 -10.38 6.05
CA ALA A 20 -15.11 -11.04 5.05
C ALA A 20 -14.10 -11.81 4.17
N GLY A 21 -14.53 -13.01 3.82
CA GLY A 21 -13.80 -13.93 3.01
C GLY A 21 -13.03 -14.98 3.76
N VAL A 22 -12.79 -14.79 5.04
CA VAL A 22 -12.06 -15.82 5.78
C VAL A 22 -13.01 -16.59 6.69
N LEU A 23 -13.02 -17.91 6.58
CA LEU A 23 -13.79 -18.75 7.42
C LEU A 23 -15.25 -18.36 7.44
N CYS A 24 -15.75 -18.10 6.25
CA CYS A 24 -17.15 -17.74 6.13
C CYS A 24 -17.91 -18.08 4.86
N SER A 25 -17.40 -19.02 4.09
CA SER A 25 -18.03 -19.35 2.81
C SER A 25 -19.14 -20.42 2.80
N THR A 26 -18.97 -21.42 3.65
CA THR A 26 -19.92 -22.51 3.70
C THR A 26 -20.68 -22.46 5.05
N GLU A 27 -21.74 -23.30 5.14
CA GLU A 27 -22.47 -23.44 6.39
C GLU A 27 -21.55 -23.91 7.51
N GLU A 28 -20.67 -24.86 7.14
CA GLU A 28 -19.67 -25.34 8.10
C GLU A 28 -18.86 -24.18 8.67
N ASP A 29 -18.35 -23.33 7.78
CA ASP A 29 -17.53 -22.19 8.16
C ASP A 29 -18.31 -21.27 9.14
N LEU A 30 -19.54 -20.90 8.73
CA LEU A 30 -20.38 -20.00 9.50
C LEU A 30 -20.68 -20.59 10.89
N ARG A 31 -21.04 -21.88 10.98
N ARG A 31 -21.02 -21.89 10.97
CA ARG A 31 -21.23 -22.57 12.28
CA ARG A 31 -21.23 -22.56 12.26
C ARG A 31 -19.94 -22.52 13.13
C ARG A 31 -19.94 -22.49 13.11
N CYS A 32 -18.80 -22.64 12.47
CA CYS A 32 -17.50 -22.59 13.19
C CYS A 32 -17.25 -21.22 13.76
N MET A 33 -17.49 -20.19 12.94
CA MET A 33 -17.31 -18.83 13.41
C MET A 33 -18.31 -18.57 14.52
N THR A 34 -19.53 -19.09 14.41
CA THR A 34 -20.54 -18.86 15.46
C THR A 34 -20.12 -19.52 16.79
N ALA A 35 -19.52 -20.72 16.74
CA ALA A 35 -19.08 -21.44 17.89
C ALA A 35 -17.83 -20.84 18.55
N SER A 36 -17.08 -20.02 17.80
CA SER A 36 -15.85 -19.39 18.28
C SER A 36 -16.19 -18.28 19.32
N SER A 37 -15.14 -17.76 19.95
N SER A 37 -15.14 -17.75 19.91
CA SER A 37 -15.32 -16.65 20.94
CA SER A 37 -15.29 -16.68 20.91
C SER A 37 -15.40 -15.29 20.28
C SER A 37 -15.41 -15.31 20.29
N SER A 38 -15.45 -15.23 18.95
CA SER A 38 -15.61 -13.93 18.35
C SER A 38 -16.85 -13.19 18.78
N GLY A 39 -16.81 -11.87 18.76
CA GLY A 39 -17.99 -11.11 19.11
C GLY A 39 -19.09 -11.00 18.01
N ALA A 40 -18.69 -11.26 16.76
CA ALA A 40 -19.58 -11.33 15.60
C ALA A 40 -18.91 -12.10 14.46
N LEU A 41 -19.67 -12.32 13.39
CA LEU A 41 -19.15 -12.87 12.17
C LEU A 41 -19.75 -12.17 11.00
N VAL A 42 -19.05 -12.24 9.89
CA VAL A 42 -19.51 -11.78 8.59
C VAL A 42 -19.44 -12.89 7.55
N SER A 43 -20.44 -13.03 6.68
CA SER A 43 -20.40 -14.02 5.62
C SER A 43 -19.53 -13.58 4.46
N LYS A 44 -19.09 -14.55 3.64
CA LYS A 44 -18.37 -14.33 2.44
C LYS A 44 -19.12 -13.41 1.54
N SER A 45 -18.40 -12.47 0.93
CA SER A 45 -18.99 -11.55 -0.06
C SER A 45 -19.67 -12.41 -1.12
N CYS A 46 -20.94 -12.09 -1.42
CA CYS A 46 -21.68 -12.92 -2.37
C CYS A 46 -22.12 -12.13 -3.61
N THR A 47 -22.40 -12.96 -4.62
CA THR A 47 -22.98 -12.56 -5.92
C THR A 47 -24.34 -13.23 -6.05
N SER A 48 -25.18 -12.76 -6.99
CA SER A 48 -26.44 -13.38 -7.21
C SER A 48 -26.37 -14.86 -7.47
N ALA A 49 -25.45 -15.23 -8.31
CA ALA A 49 -25.26 -16.63 -8.69
C ALA A 49 -24.00 -17.19 -7.98
N PRO A 50 -24.04 -18.48 -7.71
CA PRO A 50 -22.84 -19.10 -7.14
C PRO A 50 -21.70 -18.93 -8.10
N ARG A 51 -20.45 -18.91 -7.53
CA ARG A 51 -19.25 -18.77 -8.32
C ARG A 51 -18.21 -19.75 -7.81
N ASP A 52 -17.41 -20.32 -8.76
CA ASP A 52 -16.33 -21.22 -8.34
C ASP A 52 -15.03 -20.41 -8.03
N GLY A 53 -14.99 -19.20 -8.52
CA GLY A 53 -13.83 -18.31 -8.38
C GLY A 53 -12.70 -18.69 -9.30
N ASN A 54 -11.53 -18.17 -9.02
CA ASN A 54 -10.34 -18.30 -9.88
C ASN A 54 -9.63 -19.62 -9.72
N PRO A 55 -8.83 -19.97 -10.72
CA PRO A 55 -8.00 -21.14 -10.56
C PRO A 55 -7.02 -21.12 -9.39
N GLU A 56 -6.71 -22.30 -8.88
CA GLU A 56 -5.77 -22.46 -7.80
C GLU A 56 -4.37 -22.71 -8.33
N PRO A 57 -3.36 -22.31 -7.60
CA PRO A 57 -3.40 -21.71 -6.26
C PRO A 57 -3.78 -20.25 -6.33
N ARG A 58 -4.61 -19.81 -5.39
CA ARG A 58 -5.15 -18.44 -5.45
C ARG A 58 -5.06 -17.71 -4.07
N TYR A 59 -4.53 -18.40 -3.10
CA TYR A 59 -4.14 -17.83 -1.81
C TYR A 59 -2.87 -18.39 -1.38
N MET A 60 -1.97 -17.57 -0.87
CA MET A 60 -0.73 -18.05 -0.21
C MET A 60 -0.40 -17.13 0.94
N ALA A 61 0.13 -17.72 2.00
CA ALA A 61 0.57 -16.96 3.14
C ALA A 61 2.02 -17.22 3.49
N PHE A 62 2.56 -16.25 4.15
CA PHE A 62 4.00 -16.15 4.49
C PHE A 62 4.15 -15.40 5.81
N PRO A 63 5.39 -15.36 6.33
CA PRO A 63 5.55 -14.76 7.65
C PRO A 63 4.98 -13.35 7.83
N LEU A 64 5.03 -12.54 6.79
CA LEU A 64 4.60 -11.16 6.87
C LEU A 64 3.21 -10.93 6.30
N GLY A 65 2.52 -11.96 5.87
CA GLY A 65 1.15 -11.82 5.39
C GLY A 65 0.76 -12.73 4.31
N SER A 66 -0.24 -12.31 3.54
CA SER A 66 -0.83 -13.14 2.51
C SER A 66 -1.08 -12.32 1.20
N ILE A 67 -1.26 -13.09 0.13
CA ILE A 67 -1.68 -12.64 -1.16
C ILE A 67 -2.79 -13.52 -1.67
N ASN A 68 -3.79 -12.90 -2.29
CA ASN A 68 -4.94 -13.65 -2.80
C ASN A 68 -5.47 -13.04 -4.08
N SER A 69 -5.94 -13.92 -4.95
CA SER A 69 -6.85 -13.51 -6.01
C SER A 69 -7.91 -14.61 -6.10
N MET A 70 -8.75 -14.62 -5.08
CA MET A 70 -9.73 -15.69 -4.96
C MET A 70 -10.77 -15.68 -6.10
N GLY A 71 -11.14 -14.50 -6.57
CA GLY A 71 -12.16 -14.37 -7.58
C GLY A 71 -13.60 -14.48 -7.13
N LEU A 72 -13.88 -14.13 -5.87
CA LEU A 72 -15.19 -14.15 -5.35
C LEU A 72 -15.85 -15.53 -5.44
N PRO A 73 -15.16 -16.60 -5.07
CA PRO A 73 -15.88 -17.87 -4.96
C PRO A 73 -16.93 -17.79 -3.84
N ASN A 74 -18.19 -18.19 -4.10
CA ASN A 74 -19.21 -18.11 -3.05
C ASN A 74 -20.40 -18.99 -3.40
N LEU A 75 -21.25 -19.26 -2.43
CA LEU A 75 -22.37 -20.23 -2.64
C LEU A 75 -23.60 -19.50 -3.25
N GLY A 76 -23.49 -18.22 -3.41
CA GLY A 76 -24.56 -17.37 -4.04
C GLY A 76 -25.44 -16.78 -2.98
N PHE A 77 -26.11 -15.68 -3.30
CA PHE A 77 -26.87 -14.92 -2.38
C PHE A 77 -27.95 -15.71 -1.72
N ASP A 78 -28.67 -16.58 -2.46
CA ASP A 78 -29.76 -17.25 -1.84
C ASP A 78 -29.29 -18.09 -0.64
N PHE A 79 -28.12 -18.67 -0.75
CA PHE A 79 -27.56 -19.44 0.36
C PHE A 79 -27.33 -18.57 1.61
N TYR A 80 -26.65 -17.44 1.44
CA TYR A 80 -26.33 -16.56 2.56
C TYR A 80 -27.60 -15.92 3.14
N LEU A 81 -28.59 -15.67 2.29
CA LEU A 81 -29.87 -15.12 2.81
C LEU A 81 -30.60 -16.15 3.64
N LYS A 82 -30.53 -17.43 3.24
CA LYS A 82 -31.11 -18.52 4.00
C LYS A 82 -30.43 -18.72 5.30
N TYR A 83 -29.08 -18.62 5.27
CA TYR A 83 -28.34 -18.73 6.53
C TYR A 83 -28.85 -17.64 7.49
N ALA A 84 -28.95 -16.44 7.00
CA ALA A 84 -29.38 -15.30 7.80
C ALA A 84 -30.84 -15.43 8.29
N SER A 85 -31.66 -15.95 7.40
CA SER A 85 -33.10 -15.96 7.74
C SER A 85 -33.45 -17.19 8.56
N ASP A 86 -32.82 -18.36 8.38
CA ASP A 86 -33.30 -19.59 8.95
C ASP A 86 -32.26 -20.34 9.80
N LEU A 87 -30.96 -20.17 9.59
CA LEU A 87 -29.96 -21.05 10.22
C LEU A 87 -29.20 -20.36 11.33
N HIS A 88 -28.84 -19.11 11.14
CA HIS A 88 -28.04 -18.42 12.17
C HIS A 88 -28.75 -18.29 13.51
N ASP A 89 -28.04 -18.61 14.58
CA ASP A 89 -28.50 -18.39 15.92
C ASP A 89 -28.04 -17.03 16.44
N TYR A 90 -28.94 -16.05 16.39
CA TYR A 90 -28.74 -14.69 16.82
C TYR A 90 -28.57 -14.53 18.33
N SER A 91 -28.89 -15.60 19.07
CA SER A 91 -28.63 -15.59 20.51
C SER A 91 -27.14 -15.74 20.78
N LYS A 92 -26.37 -16.27 19.84
CA LYS A 92 -24.96 -16.45 20.05
C LYS A 92 -24.17 -15.18 19.80
N LYS A 93 -24.41 -14.53 18.68
CA LYS A 93 -23.79 -13.29 18.33
C LYS A 93 -24.41 -12.69 17.07
N PRO A 94 -24.14 -11.43 16.82
CA PRO A 94 -24.66 -10.83 15.58
C PRO A 94 -24.00 -11.29 14.32
N LEU A 95 -24.73 -11.17 13.24
CA LEU A 95 -24.34 -11.60 11.90
C LEU A 95 -24.35 -10.42 10.98
N PHE A 96 -23.23 -10.23 10.29
CA PHE A 96 -23.15 -9.36 9.10
C PHE A 96 -23.15 -10.22 7.83
N LEU A 97 -23.81 -9.71 6.79
CA LEU A 97 -23.84 -10.38 5.53
C LEU A 97 -23.16 -9.43 4.57
N SER A 98 -22.11 -9.90 3.90
CA SER A 98 -21.39 -9.09 2.94
C SER A 98 -21.87 -9.35 1.51
N ILE A 99 -22.15 -8.30 0.75
CA ILE A 99 -22.47 -8.45 -0.65
C ILE A 99 -21.52 -7.77 -1.57
N SER A 100 -21.25 -8.39 -2.71
CA SER A 100 -20.28 -7.83 -3.65
C SER A 100 -20.71 -8.16 -5.07
N GLY A 101 -21.86 -7.63 -5.45
CA GLY A 101 -22.36 -7.67 -6.85
C GLY A 101 -21.38 -7.06 -7.83
N LEU A 102 -21.39 -7.63 -9.03
CA LEU A 102 -20.51 -7.25 -10.11
C LEU A 102 -20.97 -6.01 -10.90
N SER A 103 -22.16 -5.56 -10.58
CA SER A 103 -22.73 -4.37 -11.17
C SER A 103 -23.65 -3.74 -10.13
N VAL A 104 -23.97 -2.47 -10.31
CA VAL A 104 -24.86 -1.82 -9.37
C VAL A 104 -26.22 -2.52 -9.38
N GLU A 105 -26.67 -2.97 -10.55
CA GLU A 105 -27.95 -3.63 -10.63
C GLU A 105 -28.02 -4.96 -9.80
N GLU A 106 -26.95 -5.72 -9.86
CA GLU A 106 -26.86 -6.94 -9.09
C GLU A 106 -26.91 -6.61 -7.59
N ASN A 107 -26.23 -5.55 -7.17
CA ASN A 107 -26.31 -5.18 -5.76
C ASN A 107 -27.73 -4.77 -5.37
N VAL A 108 -28.39 -4.01 -6.23
CA VAL A 108 -29.72 -3.57 -5.92
C VAL A 108 -30.66 -4.77 -5.73
N ALA A 109 -30.55 -5.75 -6.58
CA ALA A 109 -31.40 -6.89 -6.58
C ALA A 109 -31.25 -7.67 -5.29
N MET A 110 -30.00 -7.82 -4.86
CA MET A 110 -29.76 -8.51 -3.57
C MET A 110 -30.24 -7.70 -2.40
N VAL A 111 -29.93 -6.40 -2.33
CA VAL A 111 -30.35 -5.65 -1.15
C VAL A 111 -31.89 -5.59 -0.98
N ARG A 112 -32.56 -5.58 -2.11
CA ARG A 112 -34.00 -5.54 -2.08
C ARG A 112 -34.58 -6.74 -1.36
N ARG A 113 -33.96 -7.89 -1.58
CA ARG A 113 -34.39 -9.14 -0.95
C ARG A 113 -33.83 -9.36 0.47
N LEU A 114 -32.67 -8.78 0.74
CA LEU A 114 -32.11 -8.78 2.10
C LEU A 114 -32.95 -7.98 3.11
N ALA A 115 -33.52 -6.88 2.64
CA ALA A 115 -34.13 -5.95 3.53
C ALA A 115 -35.18 -6.48 4.50
N PRO A 116 -36.13 -7.30 4.09
CA PRO A 116 -37.07 -7.82 5.08
C PRO A 116 -36.46 -8.75 6.11
N VAL A 117 -35.41 -9.47 5.71
CA VAL A 117 -34.68 -10.30 6.64
C VAL A 117 -33.89 -9.46 7.61
N ALA A 118 -33.22 -8.40 7.13
CA ALA A 118 -32.57 -7.46 7.98
C ALA A 118 -33.51 -6.85 9.02
N GLN A 119 -34.68 -6.45 8.54
CA GLN A 119 -35.68 -5.90 9.45
C GLN A 119 -36.19 -6.91 10.45
N GLU A 120 -36.49 -8.13 10.01
CA GLU A 120 -37.02 -9.12 10.92
C GLU A 120 -36.02 -9.80 11.84
N LYS A 121 -34.84 -10.15 11.30
CA LYS A 121 -33.83 -10.91 12.10
C LYS A 121 -32.65 -10.08 12.66
N GLY A 122 -32.42 -8.94 12.07
CA GLY A 122 -31.40 -7.98 12.48
C GLY A 122 -30.02 -8.27 11.86
N VAL A 123 -29.94 -9.16 10.85
CA VAL A 123 -28.70 -9.27 10.10
C VAL A 123 -28.30 -7.90 9.55
N LEU A 124 -27.00 -7.62 9.62
CA LEU A 124 -26.42 -6.36 9.19
C LEU A 124 -25.68 -6.41 7.84
N LEU A 125 -25.97 -5.48 6.93
CA LEU A 125 -25.35 -5.48 5.63
C LEU A 125 -23.99 -4.77 5.61
N GLU A 126 -22.98 -5.45 5.04
CA GLU A 126 -21.69 -4.86 4.73
C GLU A 126 -21.60 -4.94 3.18
N LEU A 127 -21.67 -3.77 2.57
CA LEU A 127 -21.54 -3.67 1.14
C LEU A 127 -20.11 -3.48 0.69
N ASN A 128 -19.62 -4.40 -0.13
CA ASN A 128 -18.22 -4.35 -0.51
C ASN A 128 -18.00 -3.45 -1.74
N LEU A 129 -17.35 -2.33 -1.50
CA LEU A 129 -17.04 -1.36 -2.56
C LEU A 129 -15.67 -1.54 -3.21
N SER A 130 -14.88 -2.38 -2.59
CA SER A 130 -13.52 -2.68 -3.03
C SER A 130 -13.64 -3.85 -3.90
N CYS A 131 -14.23 -3.63 -5.02
CA CYS A 131 -14.75 -4.68 -5.81
C CYS A 131 -14.69 -4.24 -7.33
N PRO A 132 -14.45 -5.26 -8.25
CA PRO A 132 -14.57 -4.85 -9.68
C PRO A 132 -15.90 -4.27 -10.22
N ASN A 133 -15.77 -3.42 -11.22
CA ASN A 133 -16.91 -2.92 -11.95
C ASN A 133 -16.67 -3.25 -13.44
N VAL A 134 -16.60 -2.25 -14.30
CA VAL A 134 -16.23 -2.50 -15.68
C VAL A 134 -14.75 -2.80 -15.79
N PRO A 135 -14.40 -3.95 -16.52
CA PRO A 135 -12.94 -4.13 -16.68
C PRO A 135 -12.29 -2.98 -17.46
N GLY A 136 -11.10 -2.56 -17.04
CA GLY A 136 -10.44 -1.34 -17.51
C GLY A 136 -10.82 -0.04 -16.82
N LYS A 137 -11.71 -0.15 -15.87
CA LYS A 137 -12.00 0.93 -14.96
C LYS A 137 -11.50 0.48 -13.57
N PRO A 138 -11.08 1.44 -12.79
CA PRO A 138 -10.65 1.10 -11.41
C PRO A 138 -11.74 0.45 -10.62
N GLN A 139 -11.36 -0.25 -9.55
CA GLN A 139 -12.38 -0.85 -8.70
C GLN A 139 -13.37 0.27 -8.31
N VAL A 140 -14.59 -0.13 -7.90
CA VAL A 140 -15.62 0.86 -7.56
C VAL A 140 -15.21 2.00 -6.61
N ALA A 141 -14.57 1.68 -5.47
CA ALA A 141 -14.26 2.73 -4.51
C ALA A 141 -13.08 3.59 -4.94
N TYR A 142 -12.42 3.26 -6.06
CA TYR A 142 -11.44 4.11 -6.63
C TYR A 142 -11.99 4.94 -7.79
N ASP A 143 -13.27 4.83 -8.05
CA ASP A 143 -13.98 5.60 -9.09
C ASP A 143 -15.11 6.29 -8.38
N PHE A 144 -14.89 7.54 -7.96
CA PHE A 144 -15.81 8.18 -7.00
C PHE A 144 -17.18 8.44 -7.56
N GLU A 145 -17.30 8.70 -8.86
CA GLU A 145 -18.64 8.76 -9.45
C GLU A 145 -19.42 7.40 -9.39
N ALA A 146 -18.76 6.27 -9.70
CA ALA A 146 -19.38 5.00 -9.52
C ALA A 146 -19.72 4.75 -8.08
N MET A 147 -18.82 5.10 -7.15
CA MET A 147 -19.11 4.87 -5.74
C MET A 147 -20.37 5.60 -5.34
N ARG A 148 -20.47 6.86 -5.76
CA ARG A 148 -21.69 7.60 -5.40
C ARG A 148 -22.95 6.94 -5.99
N THR A 149 -22.85 6.51 -7.24
CA THR A 149 -24.00 5.78 -7.86
C THR A 149 -24.36 4.56 -7.06
N TYR A 150 -23.34 3.79 -6.69
CA TYR A 150 -23.68 2.55 -6.02
C TYR A 150 -24.40 2.88 -4.70
N LEU A 151 -23.89 3.86 -3.95
CA LEU A 151 -24.51 4.19 -2.65
C LEU A 151 -25.90 4.81 -2.70
N GLN A 152 -26.10 5.61 -3.75
CA GLN A 152 -27.46 6.14 -3.99
C GLN A 152 -28.52 5.04 -4.25
N GLN A 153 -28.13 4.09 -5.13
CA GLN A 153 -29.05 3.03 -5.58
C GLN A 153 -29.31 2.04 -4.44
N VAL A 154 -28.24 1.69 -3.73
CA VAL A 154 -28.39 0.80 -2.61
C VAL A 154 -29.17 1.46 -1.47
N SER A 155 -28.89 2.73 -1.17
CA SER A 155 -29.65 3.43 -0.12
C SER A 155 -31.15 3.40 -0.42
N LEU A 156 -31.46 3.69 -1.67
CA LEU A 156 -32.90 3.67 -2.08
C LEU A 156 -33.51 2.29 -2.01
N ALA A 157 -32.80 1.28 -2.48
CA ALA A 157 -33.31 -0.09 -2.54
C ALA A 157 -33.40 -0.76 -1.22
N TYR A 158 -32.49 -0.41 -0.29
CA TYR A 158 -32.44 -1.11 0.95
C TYR A 158 -33.26 -0.43 2.03
N GLY A 159 -33.01 0.85 2.19
CA GLY A 159 -33.78 1.66 3.12
C GLY A 159 -33.52 1.50 4.60
N LEU A 160 -32.41 0.83 4.99
CA LEU A 160 -32.10 0.50 6.36
C LEU A 160 -30.62 0.83 6.54
N PRO A 161 -30.20 0.96 7.77
CA PRO A 161 -28.76 1.18 8.07
C PRO A 161 -27.90 0.02 7.50
N PHE A 162 -26.79 0.42 6.91
CA PHE A 162 -25.80 -0.53 6.44
C PHE A 162 -24.40 0.01 6.58
N GLY A 163 -23.40 -0.81 6.19
CA GLY A 163 -22.05 -0.29 6.17
C GLY A 163 -21.36 -0.69 4.91
N VAL A 164 -20.18 -0.14 4.74
CA VAL A 164 -19.45 -0.32 3.56
C VAL A 164 -18.00 -0.80 3.84
N LYS A 165 -17.48 -1.67 2.98
CA LYS A 165 -16.08 -2.15 3.08
C LYS A 165 -15.28 -1.41 2.03
N MET A 166 -14.28 -0.69 2.50
CA MET A 166 -13.45 0.19 1.67
C MET A 166 -12.06 -0.36 1.38
N PRO A 167 -11.57 -0.10 0.16
CA PRO A 167 -10.17 -0.32 -0.10
C PRO A 167 -9.35 0.71 0.66
N PRO A 168 -8.07 0.43 0.82
CA PRO A 168 -7.16 1.48 1.34
C PRO A 168 -6.97 2.61 0.31
N TYR A 169 -6.80 3.79 0.85
CA TYR A 169 -6.30 4.96 0.11
C TYR A 169 -4.90 5.39 0.62
N PHE A 170 -4.20 6.14 -0.23
CA PHE A 170 -2.81 6.47 -0.06
C PHE A 170 -2.47 7.97 -0.18
N ASP A 171 -3.49 8.72 -0.51
CA ASP A 171 -3.36 10.15 -0.88
C ASP A 171 -4.44 10.90 -0.04
N ILE A 172 -4.04 11.96 0.60
CA ILE A 172 -4.94 12.75 1.50
C ILE A 172 -6.16 13.24 0.68
N ALA A 173 -5.93 13.56 -0.57
CA ALA A 173 -7.07 14.08 -1.32
C ALA A 173 -8.11 13.01 -1.52
N HIS A 174 -7.65 11.74 -1.64
CA HIS A 174 -8.58 10.63 -1.71
C HIS A 174 -9.34 10.40 -0.40
N PHE A 175 -8.67 10.54 0.76
CA PHE A 175 -9.36 10.41 2.00
C PHE A 175 -10.47 11.45 2.01
N ASP A 176 -10.09 12.67 1.60
CA ASP A 176 -11.03 13.79 1.69
C ASP A 176 -12.23 13.52 0.81
N THR A 177 -11.96 13.16 -0.42
CA THR A 177 -13.08 12.92 -1.37
C THR A 177 -13.95 11.72 -0.98
N ALA A 178 -13.28 10.61 -0.68
CA ALA A 178 -14.02 9.42 -0.27
C ALA A 178 -14.87 9.63 0.92
N ALA A 179 -14.35 10.27 1.98
CA ALA A 179 -15.21 10.50 3.16
C ALA A 179 -16.35 11.42 2.85
N ALA A 180 -16.09 12.38 2.02
CA ALA A 180 -17.18 13.31 1.71
C ALA A 180 -18.32 12.59 0.93
N VAL A 181 -17.99 11.68 0.01
CA VAL A 181 -19.02 10.83 -0.63
C VAL A 181 -19.77 10.01 0.42
N LEU A 182 -19.07 9.28 1.28
CA LEU A 182 -19.80 8.54 2.28
C LEU A 182 -20.69 9.38 3.14
N ASN A 183 -20.24 10.60 3.46
CA ASN A 183 -21.01 11.48 4.33
C ASN A 183 -22.28 12.06 3.61
N GLU A 184 -22.36 11.89 2.30
CA GLU A 184 -23.65 12.15 1.58
C GLU A 184 -24.79 11.17 1.96
N PHE A 185 -24.47 10.01 2.59
CA PHE A 185 -25.43 8.88 2.78
C PHE A 185 -25.64 8.55 4.21
N PRO A 186 -26.70 9.08 4.76
CA PRO A 186 -26.95 8.84 6.13
C PRO A 186 -27.23 7.39 6.54
N LEU A 187 -27.64 6.55 5.62
CA LEU A 187 -27.90 5.16 6.00
C LEU A 187 -26.54 4.39 6.17
N VAL A 188 -25.47 4.99 5.71
CA VAL A 188 -24.16 4.34 5.84
C VAL A 188 -23.69 4.60 7.28
N LYS A 189 -23.90 3.62 8.14
CA LYS A 189 -23.69 3.79 9.58
C LYS A 189 -22.30 3.30 10.00
N PHE A 190 -21.67 2.44 9.22
CA PHE A 190 -20.29 1.98 9.52
C PHE A 190 -19.46 1.86 8.27
N VAL A 191 -18.13 2.08 8.43
CA VAL A 191 -17.19 2.07 7.35
C VAL A 191 -16.06 1.13 7.80
N THR A 192 -15.88 0.06 7.03
CA THR A 192 -14.82 -0.94 7.34
C THR A 192 -13.59 -0.63 6.52
N CYS A 193 -12.52 -0.26 7.25
CA CYS A 193 -11.22 0.06 6.66
C CYS A 193 -10.17 -0.95 7.18
N VAL A 194 -9.56 -1.81 6.34
CA VAL A 194 -9.55 -1.78 4.88
C VAL A 194 -9.63 -3.17 4.29
N ASN A 195 -9.99 -3.21 3.02
CA ASN A 195 -9.80 -4.41 2.21
C ASN A 195 -8.31 -4.54 1.88
N SER A 196 -7.98 -5.56 1.11
CA SER A 196 -6.60 -5.88 0.88
C SER A 196 -5.92 -4.76 0.11
N VAL A 197 -4.60 -4.65 0.24
CA VAL A 197 -3.85 -3.72 -0.54
C VAL A 197 -3.64 -4.33 -1.94
N GLY A 198 -4.20 -3.63 -2.88
CA GLY A 198 -4.39 -4.17 -4.20
C GLY A 198 -3.15 -4.47 -5.03
N ASN A 199 -3.24 -5.54 -5.81
CA ASN A 199 -2.22 -5.90 -6.79
C ASN A 199 -0.80 -5.77 -6.40
N GLY A 200 -0.50 -6.43 -5.29
CA GLY A 200 0.84 -6.75 -4.96
C GLY A 200 1.32 -7.97 -5.71
N LEU A 201 2.63 -8.28 -5.59
CA LEU A 201 3.20 -9.40 -6.32
C LEU A 201 4.24 -10.08 -5.43
N VAL A 202 3.94 -11.31 -5.04
CA VAL A 202 4.91 -12.08 -4.26
C VAL A 202 5.66 -13.04 -5.23
N ILE A 203 6.94 -13.07 -5.09
CA ILE A 203 7.81 -13.92 -5.94
C ILE A 203 8.65 -14.78 -5.02
N ASP A 204 8.71 -16.04 -5.39
CA ASP A 204 9.51 -17.03 -4.64
C ASP A 204 10.90 -17.14 -5.30
N ALA A 205 11.92 -16.84 -4.54
CA ALA A 205 13.25 -16.77 -5.09
C ALA A 205 13.79 -18.11 -5.59
N GLU A 206 13.47 -19.16 -4.86
CA GLU A 206 14.00 -20.46 -5.24
C GLU A 206 13.46 -20.93 -6.58
N SER A 207 12.14 -20.82 -6.76
CA SER A 207 11.49 -21.26 -7.95
C SER A 207 11.47 -20.21 -9.06
N GLU A 208 11.82 -19.00 -8.69
CA GLU A 208 11.75 -17.86 -9.62
C GLU A 208 10.43 -17.58 -10.14
N SER A 209 9.40 -17.90 -9.38
CA SER A 209 8.03 -17.92 -9.81
C SER A 209 7.12 -17.08 -8.88
N VAL A 210 6.10 -16.46 -9.46
CA VAL A 210 4.97 -15.96 -8.70
C VAL A 210 4.32 -17.14 -7.91
N VAL A 211 3.52 -16.84 -6.90
CA VAL A 211 3.01 -17.91 -6.02
C VAL A 211 1.50 -18.19 -6.15
N ILE A 212 0.80 -17.33 -6.90
CA ILE A 212 -0.59 -17.56 -7.24
C ILE A 212 -0.75 -17.54 -8.73
N LYS A 213 -1.72 -18.31 -9.20
CA LYS A 213 -1.95 -18.50 -10.62
C LYS A 213 -2.72 -17.39 -11.31
N PRO A 214 -3.81 -16.91 -10.73
CA PRO A 214 -4.49 -15.86 -11.46
C PRO A 214 -3.68 -14.59 -11.67
N LYS A 215 -4.07 -13.81 -12.71
CA LYS A 215 -3.59 -12.43 -12.89
C LYS A 215 -2.07 -12.33 -12.89
N GLN A 216 -1.38 -13.38 -13.41
CA GLN A 216 0.10 -13.38 -13.50
C GLN A 216 0.75 -13.18 -12.15
N GLY A 217 0.09 -13.65 -11.11
CA GLY A 217 0.60 -13.60 -9.75
C GLY A 217 0.23 -12.35 -8.95
N PHE A 218 -0.44 -11.38 -9.55
CA PHE A 218 -0.84 -10.17 -8.84
C PHE A 218 -2.10 -10.42 -7.99
N GLY A 219 -2.10 -9.94 -6.78
CA GLY A 219 -3.22 -10.12 -5.92
C GLY A 219 -3.20 -9.24 -4.73
N GLY A 220 -4.32 -9.30 -3.98
CA GLY A 220 -4.39 -8.39 -2.84
C GLY A 220 -3.62 -8.85 -1.64
N LEU A 221 -2.99 -7.88 -0.94
CA LEU A 221 -2.16 -8.23 0.19
C LEU A 221 -2.89 -8.00 1.51
N GLY A 222 -2.61 -8.89 2.43
CA GLY A 222 -3.11 -8.78 3.77
C GLY A 222 -2.00 -9.05 4.77
N GLY A 223 -2.28 -8.87 6.05
CA GLY A 223 -1.38 -9.23 7.06
C GLY A 223 -0.45 -8.17 7.55
N LYS A 224 0.71 -8.59 8.02
N LYS A 224 0.73 -8.57 8.03
CA LYS A 224 1.66 -7.69 8.66
CA LYS A 224 1.67 -7.62 8.65
C LYS A 224 2.13 -6.58 7.70
C LYS A 224 2.11 -6.55 7.69
N TYR A 225 2.20 -6.87 6.39
CA TYR A 225 2.48 -5.84 5.39
C TYR A 225 1.63 -4.54 5.52
N ILE A 226 0.37 -4.72 5.92
CA ILE A 226 -0.63 -3.67 5.68
C ILE A 226 -1.10 -2.94 6.97
N LEU A 227 -0.54 -3.24 8.15
CA LEU A 227 -1.04 -2.68 9.40
C LEU A 227 -0.95 -1.16 9.40
N PRO A 228 0.21 -0.56 9.03
CA PRO A 228 0.20 0.91 9.07
C PRO A 228 -0.72 1.55 8.07
N THR A 229 -0.89 0.94 6.91
CA THR A 229 -1.84 1.39 5.97
C THR A 229 -3.28 1.28 6.54
N ALA A 230 -3.59 0.13 7.20
CA ALA A 230 -4.94 -0.03 7.82
C ALA A 230 -5.20 1.02 8.89
N LEU A 231 -4.21 1.27 9.77
CA LEU A 231 -4.35 2.22 10.83
C LEU A 231 -4.64 3.60 10.20
N ALA A 232 -3.88 3.99 9.18
CA ALA A 232 -4.04 5.27 8.60
C ALA A 232 -5.45 5.45 8.08
N ASN A 233 -5.94 4.43 7.41
CA ASN A 233 -7.31 4.56 6.89
C ASN A 233 -8.37 4.54 7.97
N VAL A 234 -8.22 3.72 8.99
CA VAL A 234 -9.18 3.75 10.11
C VAL A 234 -9.18 5.21 10.66
N ASN A 235 -8.02 5.76 10.92
CA ASN A 235 -7.99 7.05 11.60
C ASN A 235 -8.46 8.17 10.69
N ALA A 236 -8.09 8.10 9.42
CA ALA A 236 -8.51 9.11 8.43
C ALA A 236 -10.03 9.20 8.35
N PHE A 237 -10.68 8.03 8.25
CA PHE A 237 -12.16 8.00 8.24
C PHE A 237 -12.79 8.29 9.59
N TYR A 238 -12.17 7.91 10.70
CA TYR A 238 -12.66 8.24 12.03
C TYR A 238 -12.73 9.72 12.19
N ARG A 239 -11.68 10.40 11.70
CA ARG A 239 -11.59 11.87 11.82
C ARG A 239 -12.61 12.53 10.88
N ARG A 240 -12.82 11.98 9.69
CA ARG A 240 -13.66 12.67 8.65
C ARG A 240 -15.13 12.26 8.73
N CYS A 241 -15.45 11.19 9.45
CA CYS A 241 -16.88 10.70 9.50
C CYS A 241 -17.36 10.65 10.88
N PRO A 242 -17.61 11.85 11.48
CA PRO A 242 -17.85 11.76 12.89
C PRO A 242 -19.24 11.19 13.31
N ASP A 243 -20.17 11.15 12.40
CA ASP A 243 -21.44 10.53 12.66
C ASP A 243 -21.52 9.06 12.24
N LYS A 244 -20.38 8.42 11.86
CA LYS A 244 -20.38 7.00 11.48
C LYS A 244 -19.42 6.24 12.40
N LEU A 245 -19.59 4.93 12.48
CA LEU A 245 -18.68 4.00 13.18
C LEU A 245 -17.62 3.65 12.13
N VAL A 246 -16.39 3.35 12.62
CA VAL A 246 -15.37 2.78 11.77
C VAL A 246 -15.03 1.43 12.33
N PHE A 247 -14.99 0.43 11.46
CA PHE A 247 -14.53 -0.87 11.86
C PHE A 247 -13.11 -1.01 11.27
N GLY A 248 -12.20 -1.58 12.07
CA GLY A 248 -10.85 -1.75 11.54
C GLY A 248 -10.59 -3.14 11.06
N CYS A 249 -9.84 -3.23 9.97
CA CYS A 249 -9.45 -4.49 9.37
C CYS A 249 -8.07 -4.27 8.76
N GLY A 250 -7.12 -5.13 9.08
CA GLY A 250 -5.80 -5.16 8.39
C GLY A 250 -4.67 -5.36 9.38
N GLY A 251 -3.97 -6.46 9.24
CA GLY A 251 -2.80 -6.64 10.05
C GLY A 251 -2.98 -7.00 11.45
N VAL A 252 -4.17 -7.46 11.89
CA VAL A 252 -4.32 -7.86 13.27
C VAL A 252 -3.88 -9.29 13.48
N TYR A 253 -2.81 -9.46 14.29
CA TYR A 253 -2.30 -10.73 14.80
C TYR A 253 -2.27 -10.82 16.31
N SER A 254 -2.54 -9.74 16.99
CA SER A 254 -2.38 -9.78 18.44
C SER A 254 -3.32 -8.75 19.06
N GLY A 255 -3.44 -8.83 20.37
CA GLY A 255 -4.24 -7.86 21.10
C GLY A 255 -3.64 -6.46 21.00
N GLU A 256 -2.33 -6.40 20.88
CA GLU A 256 -1.72 -5.11 20.71
C GLU A 256 -2.11 -4.49 19.39
N ASP A 257 -2.09 -5.29 18.32
CA ASP A 257 -2.49 -4.73 17.02
C ASP A 257 -3.94 -4.25 17.10
N ALA A 258 -4.81 -5.00 17.80
CA ALA A 258 -6.19 -4.59 17.96
C ALA A 258 -6.29 -3.30 18.78
N PHE A 259 -5.51 -3.20 19.87
CA PHE A 259 -5.40 -1.95 20.62
C PHE A 259 -5.04 -0.76 19.78
N LEU A 260 -4.11 -0.93 18.84
CA LEU A 260 -3.75 0.17 17.98
C LEU A 260 -4.90 0.56 17.07
N HIS A 261 -5.58 -0.42 16.47
CA HIS A 261 -6.78 -0.16 15.72
C HIS A 261 -7.82 0.66 16.47
N ILE A 262 -8.03 0.29 17.73
CA ILE A 262 -9.05 0.88 18.53
C ILE A 262 -8.60 2.34 18.88
N LEU A 263 -7.35 2.54 19.25
CA LEU A 263 -6.80 3.86 19.41
C LEU A 263 -6.97 4.77 18.22
N ALA A 264 -6.82 4.22 17.02
CA ALA A 264 -7.09 4.90 15.75
C ALA A 264 -8.51 5.23 15.50
N GLY A 265 -9.41 4.54 16.18
CA GLY A 265 -10.82 4.78 15.98
C GLY A 265 -11.77 3.59 15.78
N ALA A 266 -11.23 2.40 15.67
CA ALA A 266 -12.05 1.24 15.39
C ALA A 266 -13.06 0.89 16.48
N SER A 267 -14.28 0.53 16.07
CA SER A 267 -15.25 -0.05 16.96
C SER A 267 -15.12 -1.58 16.90
N MET A 268 -15.53 -2.17 15.82
CA MET A 268 -15.24 -3.57 15.59
C MET A 268 -13.80 -3.69 14.98
N VAL A 269 -13.20 -4.84 15.24
CA VAL A 269 -11.88 -5.16 14.72
C VAL A 269 -11.97 -6.53 14.03
N GLN A 270 -11.70 -6.55 12.72
CA GLN A 270 -11.86 -7.77 11.95
C GLN A 270 -10.43 -8.41 11.73
N VAL A 271 -10.42 -9.71 11.56
CA VAL A 271 -9.21 -10.50 11.50
C VAL A 271 -9.33 -11.38 10.25
N GLY A 272 -8.44 -11.18 9.29
CA GLY A 272 -8.40 -11.97 8.02
C GLY A 272 -7.25 -12.95 8.02
N THR A 273 -6.13 -12.52 7.50
CA THR A 273 -4.93 -13.35 7.31
C THR A 273 -4.63 -14.14 8.59
N ALA A 274 -4.60 -13.48 9.73
CA ALA A 274 -4.11 -14.21 10.93
C ALA A 274 -5.08 -15.32 11.33
N LEU A 275 -6.38 -15.06 11.12
CA LEU A 275 -7.42 -16.07 11.31
C LEU A 275 -7.31 -17.24 10.33
N GLN A 276 -7.07 -16.94 9.08
CA GLN A 276 -6.83 -17.92 8.07
C GLN A 276 -5.68 -18.83 8.46
N GLU A 277 -4.61 -18.25 9.02
CA GLU A 277 -3.43 -19.01 9.37
C GLU A 277 -3.53 -19.74 10.69
N GLU A 278 -4.12 -19.11 11.72
CA GLU A 278 -4.13 -19.66 13.02
C GLU A 278 -5.38 -20.44 13.38
N GLY A 279 -6.49 -20.13 12.71
CA GLY A 279 -7.80 -20.67 13.06
C GLY A 279 -8.50 -19.94 14.15
N PRO A 280 -9.74 -20.35 14.41
CA PRO A 280 -10.64 -19.59 15.26
C PRO A 280 -10.26 -19.51 16.73
N GLY A 281 -9.34 -20.36 17.17
CA GLY A 281 -8.72 -20.17 18.50
C GLY A 281 -8.11 -18.83 18.69
N ILE A 282 -7.77 -18.13 17.59
CA ILE A 282 -7.16 -16.81 17.72
C ILE A 282 -7.99 -15.90 18.57
N PHE A 283 -9.30 -16.01 18.48
CA PHE A 283 -10.16 -15.05 19.18
C PHE A 283 -9.99 -15.09 20.70
N THR A 284 -9.76 -16.24 21.31
CA THR A 284 -9.57 -16.23 22.76
C THR A 284 -8.25 -15.53 23.11
N ARG A 285 -7.23 -15.78 22.29
CA ARG A 285 -5.93 -15.18 22.47
C ARG A 285 -6.02 -13.70 22.30
N LEU A 286 -6.69 -13.19 21.25
CA LEU A 286 -6.77 -11.75 21.08
C LEU A 286 -7.50 -11.07 22.26
N GLU A 287 -8.57 -11.68 22.69
CA GLU A 287 -9.35 -11.16 23.84
C GLU A 287 -8.45 -11.08 25.07
N ASP A 288 -7.74 -12.16 25.35
CA ASP A 288 -6.86 -12.19 26.52
C ASP A 288 -5.75 -11.12 26.43
N GLU A 289 -5.15 -11.00 25.24
CA GLU A 289 -4.06 -10.05 25.02
C GLU A 289 -4.55 -8.60 25.16
N LEU A 290 -5.75 -8.32 24.63
CA LEU A 290 -6.27 -6.99 24.68
C LEU A 290 -6.60 -6.65 26.17
N LEU A 291 -7.18 -7.61 26.84
CA LEU A 291 -7.51 -7.39 28.30
C LEU A 291 -6.27 -7.18 29.09
N GLU A 292 -5.17 -7.87 28.74
CA GLU A 292 -3.96 -7.66 29.52
C GLU A 292 -3.42 -6.27 29.31
N ILE A 293 -3.48 -5.75 28.07
CA ILE A 293 -2.97 -4.36 27.82
C ILE A 293 -3.86 -3.37 28.53
N MET A 294 -5.17 -3.60 28.49
CA MET A 294 -6.09 -2.72 29.22
C MET A 294 -5.77 -2.76 30.73
N ALA A 295 -5.49 -3.92 31.28
CA ALA A 295 -5.25 -3.98 32.73
C ALA A 295 -4.00 -3.20 33.10
N ARG A 296 -2.94 -3.33 32.31
CA ARG A 296 -1.66 -2.68 32.56
C ARG A 296 -1.83 -1.15 32.55
N LYS A 297 -2.75 -0.67 31.73
CA LYS A 297 -2.98 0.75 31.49
C LYS A 297 -4.06 1.33 32.33
N GLY A 298 -4.74 0.49 33.08
CA GLY A 298 -5.87 0.98 33.85
C GLY A 298 -7.16 1.23 33.10
N TYR A 299 -7.30 0.74 31.88
CA TYR A 299 -8.52 0.96 31.07
C TYR A 299 -9.57 -0.13 31.39
N ARG A 300 -10.79 0.31 31.70
CA ARG A 300 -11.80 -0.65 32.06
C ARG A 300 -12.76 -1.00 30.88
N THR A 301 -12.91 -0.09 29.94
CA THR A 301 -13.76 -0.26 28.78
C THR A 301 -13.08 0.26 27.47
N LEU A 302 -13.57 -0.19 26.33
CA LEU A 302 -13.03 0.22 25.05
C LEU A 302 -13.20 1.70 24.74
N GLU A 303 -14.30 2.27 25.19
CA GLU A 303 -14.55 3.67 24.90
C GLU A 303 -13.57 4.59 25.62
N GLU A 304 -12.90 4.11 26.63
N GLU A 304 -12.90 4.12 26.63
CA GLU A 304 -11.97 4.95 27.32
CA GLU A 304 -11.98 4.95 27.31
C GLU A 304 -10.82 5.33 26.43
C GLU A 304 -10.83 5.33 26.41
N PHE A 305 -10.48 4.46 25.48
CA PHE A 305 -9.37 4.78 24.57
C PHE A 305 -9.65 4.79 23.09
N ARG A 306 -10.88 4.45 22.69
CA ARG A 306 -11.19 4.41 21.28
C ARG A 306 -11.00 5.79 20.64
N GLY A 307 -10.27 5.89 19.57
CA GLY A 307 -10.01 7.17 18.89
C GLY A 307 -9.09 8.11 19.61
N ARG A 308 -8.49 7.65 20.72
N ARG A 308 -8.45 7.68 20.69
CA ARG A 308 -7.67 8.52 21.62
CA ARG A 308 -7.66 8.61 21.50
C ARG A 308 -6.15 8.51 21.29
C ARG A 308 -6.16 8.60 21.24
N VAL A 309 -5.78 8.06 20.10
CA VAL A 309 -4.43 8.18 19.62
C VAL A 309 -3.94 9.65 19.79
N LYS A 310 -2.75 9.77 20.35
CA LYS A 310 -2.16 11.10 20.52
C LYS A 310 -1.31 11.47 19.38
N THR A 311 -1.34 12.73 19.07
CA THR A 311 -0.39 13.30 18.11
C THR A 311 0.69 14.07 18.82
N ILE A 312 1.73 14.42 18.09
CA ILE A 312 2.89 15.12 18.71
C ILE A 312 2.75 16.62 18.50
N GLU A 313 2.70 17.41 19.59
CA GLU A 313 2.76 18.92 19.50
C GLU A 313 1.99 19.53 18.35
N MET B 1 34.08 -13.45 -11.86
CA MET B 1 32.63 -13.01 -11.81
C MET B 1 32.29 -11.59 -11.20
N CYS B 2 31.67 -10.73 -12.01
CA CYS B 2 31.37 -9.37 -11.58
C CYS B 2 29.98 -9.00 -12.06
N LEU B 3 29.40 -7.95 -11.39
CA LEU B 3 28.00 -7.45 -11.55
C LEU B 3 27.94 -6.24 -12.42
N LYS B 4 29.02 -5.88 -13.23
CA LYS B 4 29.07 -4.67 -14.04
C LYS B 4 28.00 -4.73 -15.13
N LEU B 5 27.40 -3.57 -15.44
CA LEU B 5 26.47 -3.39 -16.50
C LEU B 5 26.52 -1.98 -17.15
N ASN B 6 25.90 -1.84 -18.31
N ASN B 6 25.89 -1.79 -18.31
CA ASN B 6 25.84 -0.61 -19.03
CA ASN B 6 25.94 -0.58 -19.15
C ASN B 6 24.45 -0.32 -19.26
C ASN B 6 24.51 -0.29 -19.34
N LEU B 7 24.06 0.93 -18.99
CA LEU B 7 22.72 1.47 -19.22
C LEU B 7 22.80 2.94 -19.46
N LEU B 8 21.93 3.46 -20.30
CA LEU B 8 21.81 4.88 -20.45
C LEU B 8 23.18 5.49 -20.90
N ASP B 9 23.96 4.73 -21.63
CA ASP B 9 25.27 5.19 -22.12
C ASP B 9 26.26 5.45 -20.97
N HIS B 10 25.97 4.88 -19.81
CA HIS B 10 26.90 4.80 -18.70
C HIS B 10 27.23 3.37 -18.31
N VAL B 11 28.38 3.22 -17.71
CA VAL B 11 28.80 1.98 -17.14
C VAL B 11 28.68 2.00 -15.63
N PHE B 12 28.19 0.86 -15.07
CA PHE B 12 27.92 0.73 -13.66
C PHE B 12 28.63 -0.55 -13.14
N ALA B 13 29.29 -0.47 -12.03
CA ALA B 13 30.04 -1.59 -11.45
C ALA B 13 29.11 -2.69 -10.96
N ASN B 14 27.89 -2.27 -10.66
CA ASN B 14 26.87 -3.17 -10.08
C ASN B 14 25.55 -2.40 -10.13
N PRO B 15 24.41 -3.09 -9.94
CA PRO B 15 23.13 -2.46 -10.08
C PRO B 15 22.64 -1.63 -8.88
N PHE B 16 23.40 -1.57 -7.81
CA PHE B 16 22.93 -0.94 -6.58
C PHE B 16 23.16 0.55 -6.48
N MET B 17 22.19 1.26 -5.89
CA MET B 17 22.38 2.66 -5.59
C MET B 17 21.52 3.02 -4.41
N ASN B 18 21.77 4.17 -3.81
CA ASN B 18 20.80 4.65 -2.83
C ASN B 18 19.50 5.01 -3.48
N ALA B 19 18.43 4.97 -2.70
CA ALA B 19 17.15 5.62 -3.05
C ALA B 19 17.22 7.10 -2.75
N ALA B 20 16.60 7.93 -3.62
CA ALA B 20 16.58 9.31 -3.36
C ALA B 20 16.09 9.64 -1.98
N GLY B 21 16.76 10.60 -1.36
CA GLY B 21 16.36 11.04 -0.04
C GLY B 21 17.22 10.43 1.06
N VAL B 22 17.83 9.25 0.79
CA VAL B 22 18.63 8.56 1.81
C VAL B 22 20.13 8.72 1.55
N LEU B 23 20.82 9.25 2.54
CA LEU B 23 22.25 9.45 2.47
C LEU B 23 22.70 10.27 1.24
N CYS B 24 21.99 11.36 1.01
CA CYS B 24 22.28 12.11 -0.17
C CYS B 24 21.94 13.59 -0.14
N SER B 25 21.85 14.16 1.04
CA SER B 25 21.37 15.53 1.15
C SER B 25 22.47 16.60 1.14
N THR B 26 23.54 16.28 1.81
CA THR B 26 24.65 17.17 1.92
C THR B 26 25.89 16.72 1.14
N GLU B 27 26.88 17.61 1.02
CA GLU B 27 28.08 17.26 0.34
C GLU B 27 28.77 16.01 1.00
N GLU B 28 28.77 16.05 2.32
CA GLU B 28 29.26 14.91 3.11
C GLU B 28 28.53 13.61 2.71
N ASP B 29 27.21 13.67 2.65
CA ASP B 29 26.45 12.47 2.31
C ASP B 29 26.83 11.94 0.93
N LEU B 30 26.91 12.87 -0.04
CA LEU B 30 27.21 12.51 -1.39
C LEU B 30 28.60 11.93 -1.54
N ARG B 31 29.55 12.47 -0.80
N ARG B 31 29.56 12.50 -0.81
CA ARG B 31 30.90 11.96 -0.83
CA ARG B 31 30.93 12.02 -0.78
C ARG B 31 30.98 10.57 -0.20
C ARG B 31 30.97 10.59 -0.20
N CYS B 32 30.17 10.37 0.83
CA CYS B 32 30.03 9.03 1.48
C CYS B 32 29.46 8.05 0.48
N MET B 33 28.35 8.38 -0.19
CA MET B 33 27.82 7.48 -1.18
C MET B 33 28.79 7.25 -2.34
N THR B 34 29.56 8.26 -2.72
CA THR B 34 30.52 8.07 -3.80
C THR B 34 31.63 7.08 -3.35
N ALA B 35 32.02 7.21 -2.12
CA ALA B 35 33.07 6.32 -1.53
C ALA B 35 32.64 4.87 -1.28
N SER B 36 31.34 4.66 -1.20
CA SER B 36 30.79 3.34 -1.02
C SER B 36 31.00 2.42 -2.23
N SER B 37 30.64 1.15 -2.04
CA SER B 37 30.68 0.16 -3.14
C SER B 37 29.50 0.25 -4.06
N SER B 38 28.56 1.19 -3.86
CA SER B 38 27.43 1.22 -4.80
C SER B 38 27.82 1.47 -6.21
N GLY B 39 27.00 0.98 -7.11
CA GLY B 39 27.19 1.25 -8.53
C GLY B 39 26.89 2.66 -9.02
N ALA B 40 26.05 3.40 -8.30
CA ALA B 40 25.66 4.76 -8.67
C ALA B 40 25.15 5.43 -7.35
N LEU B 41 24.81 6.72 -7.45
CA LEU B 41 24.19 7.42 -6.39
C LEU B 41 23.19 8.42 -7.01
N VAL B 42 22.21 8.77 -6.22
CA VAL B 42 21.22 9.79 -6.56
C VAL B 42 21.14 10.83 -5.44
N SER B 43 21.09 12.11 -5.82
CA SER B 43 20.98 13.21 -4.85
C SER B 43 19.52 13.28 -4.25
N LYS B 44 19.40 13.98 -3.13
CA LYS B 44 18.14 14.29 -2.51
C LYS B 44 17.28 15.06 -3.45
N SER B 45 16.00 14.76 -3.54
CA SER B 45 15.08 15.55 -4.39
C SER B 45 15.18 17.04 -3.99
N CYS B 46 15.32 17.93 -5.01
CA CYS B 46 15.55 19.30 -4.68
C CYS B 46 14.50 20.19 -5.26
N THR B 47 14.44 21.34 -4.61
CA THR B 47 13.57 22.45 -4.99
C THR B 47 14.48 23.65 -5.40
N SER B 48 13.89 24.67 -6.04
CA SER B 48 14.70 25.78 -6.43
C SER B 48 15.35 26.44 -5.28
N ALA B 49 14.64 26.58 -4.20
CA ALA B 49 15.22 27.16 -3.02
C ALA B 49 15.42 26.11 -1.94
N PRO B 50 16.44 26.47 -1.06
CA PRO B 50 16.62 25.52 0.05
C PRO B 50 15.37 25.37 0.91
N ARG B 51 15.17 24.19 1.51
CA ARG B 51 14.11 23.94 2.46
C ARG B 51 14.61 23.24 3.72
N ASP B 52 14.08 23.71 4.83
CA ASP B 52 14.23 23.13 6.14
C ASP B 52 13.48 21.82 6.28
N GLY B 53 12.36 21.72 5.60
CA GLY B 53 11.51 20.56 5.77
C GLY B 53 10.61 20.67 7.00
N ASN B 54 9.94 19.57 7.31
CA ASN B 54 8.99 19.43 8.40
C ASN B 54 9.61 19.35 9.77
N PRO B 55 8.80 19.65 10.80
CA PRO B 55 9.24 19.46 12.17
C PRO B 55 9.65 18.05 12.50
N GLU B 56 10.65 17.94 13.35
CA GLU B 56 11.11 16.61 13.87
C GLU B 56 10.32 16.24 15.15
N PRO B 57 10.14 14.93 15.45
CA PRO B 57 10.63 13.83 14.60
C PRO B 57 9.86 13.64 13.33
N ARG B 58 10.58 13.29 12.23
CA ARG B 58 9.96 13.17 10.88
C ARG B 58 10.32 11.87 10.13
N TYR B 59 11.22 11.08 10.71
CA TYR B 59 11.56 9.73 10.28
C TYR B 59 11.60 8.83 11.47
N MET B 60 11.05 7.60 11.35
CA MET B 60 11.26 6.56 12.34
C MET B 60 11.31 5.23 11.64
N ALA B 61 12.13 4.34 12.17
CA ALA B 61 12.25 3.00 11.61
C ALA B 61 12.03 1.96 12.67
N PHE B 62 11.58 0.80 12.20
CA PHE B 62 11.17 -0.34 12.97
C PHE B 62 11.55 -1.60 12.26
N PRO B 63 11.41 -2.74 12.93
CA PRO B 63 11.87 -3.98 12.33
C PRO B 63 11.27 -4.24 10.94
N LEU B 64 10.02 -3.81 10.68
CA LEU B 64 9.39 -4.02 9.39
C LEU B 64 9.55 -2.88 8.39
N GLY B 65 10.09 -1.74 8.81
CA GLY B 65 10.31 -0.66 7.83
C GLY B 65 10.33 0.71 8.46
N SER B 66 9.97 1.71 7.69
CA SER B 66 10.08 3.11 8.12
C SER B 66 8.86 3.87 7.67
N ILE B 67 8.70 4.94 8.39
CA ILE B 67 7.70 5.99 8.08
C ILE B 67 8.39 7.35 8.10
N ASN B 68 8.06 8.13 7.11
CA ASN B 68 8.64 9.53 6.98
C ASN B 68 7.67 10.53 6.48
N SER B 69 7.84 11.78 7.02
CA SER B 69 7.27 12.93 6.41
C SER B 69 8.34 13.98 6.50
N MET B 70 9.39 13.78 5.71
CA MET B 70 10.54 14.68 5.77
C MET B 70 10.15 16.11 5.37
N GLY B 71 9.32 16.25 4.38
CA GLY B 71 8.94 17.58 3.84
C GLY B 71 9.95 18.17 2.90
N LEU B 72 10.71 17.36 2.17
CA LEU B 72 11.62 17.84 1.17
C LEU B 72 12.66 18.83 1.70
N PRO B 73 13.27 18.51 2.83
CA PRO B 73 14.44 19.27 3.30
C PRO B 73 15.53 19.10 2.27
N ASN B 74 16.16 20.18 1.79
CA ASN B 74 17.25 20.00 0.81
C ASN B 74 18.01 21.32 0.76
N LEU B 75 19.21 21.25 0.19
CA LEU B 75 20.09 22.39 0.18
C LEU B 75 19.77 23.37 -1.01
N GLY B 76 18.79 23.02 -1.80
CA GLY B 76 18.43 23.80 -2.94
C GLY B 76 19.18 23.39 -4.19
N PHE B 77 18.55 23.67 -5.31
CA PHE B 77 19.04 23.23 -6.59
C PHE B 77 20.43 23.71 -6.96
N ASP B 78 20.75 24.95 -6.64
CA ASP B 78 22.05 25.47 -6.98
C ASP B 78 23.15 24.61 -6.34
N PHE B 79 22.94 24.13 -5.13
CA PHE B 79 23.93 23.24 -4.50
C PHE B 79 24.07 21.91 -5.27
N TYR B 80 22.96 21.27 -5.61
CA TYR B 80 23.05 19.97 -6.26
C TYR B 80 23.68 20.11 -7.65
N LEU B 81 23.34 21.17 -8.34
CA LEU B 81 23.91 21.42 -9.65
C LEU B 81 25.41 21.65 -9.55
N LYS B 82 25.83 22.41 -8.56
CA LYS B 82 27.23 22.62 -8.30
C LYS B 82 27.96 21.35 -7.97
N TYR B 83 27.31 20.53 -7.12
CA TYR B 83 27.87 19.16 -6.89
C TYR B 83 28.07 18.37 -8.21
N ALA B 84 27.03 18.37 -9.05
CA ALA B 84 27.06 17.66 -10.33
C ALA B 84 28.16 18.24 -11.26
N SER B 85 28.24 19.57 -11.25
N SER B 85 28.25 19.56 -11.27
CA SER B 85 29.08 20.27 -12.24
CA SER B 85 29.09 20.23 -12.29
C SER B 85 30.54 20.34 -11.84
C SER B 85 30.55 20.34 -11.84
N ASP B 86 30.82 20.51 -10.56
CA ASP B 86 32.19 20.75 -10.08
C ASP B 86 32.78 19.77 -9.11
N LEU B 87 31.96 19.06 -8.33
CA LEU B 87 32.45 18.27 -7.14
C LEU B 87 32.44 16.75 -7.36
N HIS B 88 31.50 16.23 -8.11
CA HIS B 88 31.38 14.78 -8.23
C HIS B 88 32.50 14.24 -9.07
N ASP B 89 33.06 13.15 -8.64
CA ASP B 89 34.05 12.45 -9.41
C ASP B 89 33.42 11.30 -10.26
N TYR B 90 33.17 11.62 -11.51
CA TYR B 90 32.52 10.72 -12.44
C TYR B 90 33.33 9.48 -12.77
N SER B 91 34.59 9.47 -12.40
CA SER B 91 35.39 8.29 -12.58
C SER B 91 35.08 7.23 -11.59
N LYS B 92 34.41 7.62 -10.49
CA LYS B 92 34.05 6.71 -9.43
C LYS B 92 32.75 5.98 -9.76
N LYS B 93 31.73 6.72 -10.23
CA LYS B 93 30.39 6.11 -10.56
C LYS B 93 29.48 7.18 -11.12
N PRO B 94 28.39 6.78 -11.81
CA PRO B 94 27.47 7.71 -12.31
C PRO B 94 26.73 8.45 -11.23
N LEU B 95 26.24 9.62 -11.52
CA LEU B 95 25.38 10.41 -10.67
C LEU B 95 24.05 10.73 -11.31
N PHE B 96 22.97 10.50 -10.56
CA PHE B 96 21.67 10.94 -10.86
C PHE B 96 21.31 12.09 -9.98
N LEU B 97 20.65 13.13 -10.52
CA LEU B 97 20.15 14.23 -9.75
C LEU B 97 18.63 14.14 -9.70
N SER B 98 18.02 14.14 -8.52
CA SER B 98 16.53 14.07 -8.39
C SER B 98 15.97 15.50 -8.20
N ILE B 99 15.02 15.86 -9.03
CA ILE B 99 14.31 17.15 -8.98
C ILE B 99 12.88 16.96 -8.58
N SER B 100 12.41 17.77 -7.66
CA SER B 100 11.10 17.73 -7.15
C SER B 100 10.53 19.09 -6.90
N GLY B 101 10.40 19.85 -7.98
CA GLY B 101 9.74 21.16 -7.84
C GLY B 101 8.28 21.04 -7.46
N LEU B 102 7.76 22.11 -6.83
CA LEU B 102 6.41 22.16 -6.30
C LEU B 102 5.39 22.60 -7.40
N SER B 103 5.88 22.91 -8.59
CA SER B 103 5.05 23.16 -9.78
C SER B 103 5.77 22.81 -11.02
N VAL B 104 5.03 22.79 -12.12
CA VAL B 104 5.61 22.53 -13.37
C VAL B 104 6.66 23.58 -13.73
N GLU B 105 6.38 24.85 -13.40
CA GLU B 105 7.30 25.91 -13.79
C GLU B 105 8.62 25.80 -13.10
N GLU B 106 8.54 25.45 -11.83
CA GLU B 106 9.75 25.27 -11.02
C GLU B 106 10.62 24.14 -11.61
N ASN B 107 10.00 23.00 -11.95
CA ASN B 107 10.74 21.91 -12.66
C ASN B 107 11.32 22.31 -13.99
N VAL B 108 10.57 23.06 -14.82
CA VAL B 108 11.11 23.48 -16.09
C VAL B 108 12.34 24.39 -15.87
N ALA B 109 12.26 25.27 -14.91
CA ALA B 109 13.37 26.22 -14.64
C ALA B 109 14.66 25.49 -14.19
N MET B 110 14.47 24.45 -13.37
CA MET B 110 15.60 23.61 -12.95
C MET B 110 16.15 22.78 -14.10
N VAL B 111 15.29 22.06 -14.87
CA VAL B 111 15.79 21.21 -15.91
C VAL B 111 16.48 22.02 -17.03
N ARG B 112 16.04 23.27 -17.27
CA ARG B 112 16.72 24.09 -18.35
C ARG B 112 18.16 24.32 -17.99
N ARG B 113 18.40 24.48 -16.69
CA ARG B 113 19.75 24.71 -16.18
C ARG B 113 20.55 23.45 -16.04
N LEU B 114 19.87 22.31 -15.77
CA LEU B 114 20.58 21.05 -15.69
C LEU B 114 21.10 20.57 -17.02
N ALA B 115 20.32 20.80 -18.11
CA ALA B 115 20.63 20.28 -19.44
C ALA B 115 22.09 20.38 -19.85
N PRO B 116 22.69 21.59 -19.75
CA PRO B 116 24.08 21.69 -20.20
C PRO B 116 25.08 20.92 -19.37
N VAL B 117 24.80 20.81 -18.08
CA VAL B 117 25.66 19.98 -17.19
C VAL B 117 25.48 18.47 -17.49
N ALA B 118 24.25 18.04 -17.77
CA ALA B 118 24.01 16.74 -18.26
C ALA B 118 24.80 16.50 -19.53
N GLN B 119 24.75 17.44 -20.49
CA GLN B 119 25.49 17.24 -21.72
C GLN B 119 26.98 17.15 -21.44
N GLU B 120 27.49 18.05 -20.63
CA GLU B 120 28.94 18.15 -20.45
C GLU B 120 29.47 17.02 -19.59
N LYS B 121 28.75 16.73 -18.49
CA LYS B 121 29.25 15.83 -17.46
C LYS B 121 28.59 14.45 -17.43
N GLY B 122 27.43 14.32 -18.00
CA GLY B 122 26.72 13.04 -17.99
C GLY B 122 25.86 12.77 -16.78
N VAL B 123 25.69 13.72 -15.88
CA VAL B 123 24.69 13.58 -14.82
C VAL B 123 23.33 13.23 -15.42
N LEU B 124 22.60 12.32 -14.74
CA LEU B 124 21.31 11.85 -15.18
C LEU B 124 20.16 12.39 -14.36
N LEU B 125 19.09 12.80 -14.99
CA LEU B 125 17.95 13.38 -14.28
C LEU B 125 16.91 12.28 -13.88
N GLU B 126 16.54 12.29 -12.59
CA GLU B 126 15.36 11.59 -12.12
C GLU B 126 14.35 12.59 -11.65
N LEU B 127 13.23 12.69 -12.38
CA LEU B 127 12.18 13.60 -12.04
C LEU B 127 11.22 12.96 -11.10
N ASN B 128 11.05 13.56 -9.93
CA ASN B 128 10.21 12.95 -8.92
C ASN B 128 8.76 13.35 -9.17
N LEU B 129 7.93 12.40 -9.53
CA LEU B 129 6.52 12.67 -9.81
C LEU B 129 5.66 12.37 -8.65
N SER B 130 6.29 12.08 -7.53
CA SER B 130 5.60 11.57 -6.37
C SER B 130 5.38 12.65 -5.35
N CYS B 131 5.70 13.87 -5.70
CA CYS B 131 5.79 15.00 -4.85
C CYS B 131 4.42 15.59 -4.59
N PRO B 132 4.18 16.17 -3.31
CA PRO B 132 3.02 15.70 -2.52
C PRO B 132 1.58 16.24 -2.65
N ASN B 133 1.36 17.57 -2.63
CA ASN B 133 0.07 18.25 -2.98
C ASN B 133 -0.98 19.04 -2.06
N VAL B 134 -1.74 19.95 -2.72
CA VAL B 134 -2.70 20.85 -2.05
C VAL B 134 -4.08 20.28 -1.66
N PRO B 135 -4.73 20.79 -0.62
CA PRO B 135 -6.09 20.27 -0.39
C PRO B 135 -6.96 20.44 -1.64
N GLY B 136 -7.73 19.41 -1.92
CA GLY B 136 -8.60 19.41 -3.07
C GLY B 136 -7.97 18.92 -4.36
N LYS B 137 -6.70 18.50 -4.33
CA LYS B 137 -5.94 17.90 -5.48
C LYS B 137 -4.99 16.72 -5.16
N PRO B 138 -5.02 15.60 -6.02
CA PRO B 138 -4.10 14.49 -5.66
C PRO B 138 -2.61 14.70 -6.08
N GLN B 139 -1.64 13.90 -5.63
CA GLN B 139 -0.27 14.13 -6.05
C GLN B 139 -0.23 13.91 -7.55
N VAL B 140 0.78 14.50 -8.20
CA VAL B 140 0.84 14.60 -9.66
C VAL B 140 0.70 13.24 -10.31
N ALA B 141 1.36 12.22 -9.74
CA ALA B 141 1.37 10.96 -10.49
C ALA B 141 0.06 10.22 -10.37
N TYR B 142 -0.83 10.69 -9.49
CA TYR B 142 -2.16 10.15 -9.34
C TYR B 142 -3.26 11.01 -10.03
N ASP B 143 -2.79 11.98 -10.82
CA ASP B 143 -3.62 12.86 -11.67
C ASP B 143 -3.01 12.81 -13.03
N PHE B 144 -3.53 11.95 -13.90
CA PHE B 144 -2.84 11.59 -15.14
C PHE B 144 -2.77 12.75 -16.11
N GLU B 145 -3.71 13.70 -16.02
CA GLU B 145 -3.62 14.87 -16.90
C GLU B 145 -2.48 15.77 -16.43
N ALA B 146 -2.30 15.95 -15.12
CA ALA B 146 -1.18 16.73 -14.66
C ALA B 146 0.14 16.07 -15.01
N MET B 147 0.20 14.74 -14.82
CA MET B 147 1.43 14.02 -15.18
C MET B 147 1.84 14.22 -16.63
N ARG B 148 0.87 14.09 -17.55
CA ARG B 148 1.13 14.30 -18.92
C ARG B 148 1.74 15.73 -19.18
N THR B 149 1.17 16.70 -18.50
CA THR B 149 1.64 18.13 -18.58
C THR B 149 3.03 18.28 -18.06
N TYR B 150 3.31 17.78 -16.86
CA TYR B 150 4.65 17.80 -16.42
C TYR B 150 5.55 17.21 -17.42
N LEU B 151 5.25 16.03 -17.95
CA LEU B 151 6.23 15.37 -18.81
C LEU B 151 6.40 16.08 -20.16
N GLN B 152 5.29 16.62 -20.65
CA GLN B 152 5.37 17.44 -21.90
C GLN B 152 6.36 18.60 -21.75
N GLN B 153 6.13 19.34 -20.68
CA GLN B 153 6.92 20.55 -20.37
C GLN B 153 8.38 20.24 -20.06
N VAL B 154 8.64 19.19 -19.26
CA VAL B 154 9.99 18.84 -18.97
C VAL B 154 10.71 18.29 -20.18
N SER B 155 10.04 17.46 -20.98
CA SER B 155 10.69 16.96 -22.12
C SER B 155 11.09 18.13 -23.03
N LEU B 156 10.18 19.08 -23.23
CA LEU B 156 10.51 20.24 -24.13
C LEU B 156 11.70 21.06 -23.56
N ALA B 157 11.68 21.27 -22.28
CA ALA B 157 12.69 22.10 -21.61
C ALA B 157 14.02 21.44 -21.49
N TYR B 158 14.07 20.12 -21.24
CA TYR B 158 15.29 19.44 -21.02
C TYR B 158 15.90 18.91 -22.29
N GLY B 159 15.08 18.26 -23.14
CA GLY B 159 15.49 17.77 -24.43
C GLY B 159 16.47 16.64 -24.46
N LEU B 160 16.72 16.01 -23.29
CA LEU B 160 17.66 14.91 -23.17
C LEU B 160 16.99 13.72 -22.44
N PRO B 161 17.55 12.52 -22.60
CA PRO B 161 16.93 11.33 -21.86
C PRO B 161 16.86 11.55 -20.37
N PHE B 162 15.78 11.12 -19.73
CA PHE B 162 15.61 11.32 -18.27
C PHE B 162 14.73 10.18 -17.77
N GLY B 163 14.60 10.12 -16.46
CA GLY B 163 13.71 9.17 -15.81
C GLY B 163 12.74 9.81 -14.88
N VAL B 164 11.79 9.00 -14.41
CA VAL B 164 10.76 9.42 -13.54
C VAL B 164 10.65 8.46 -12.35
N LYS B 165 10.57 9.06 -11.17
CA LYS B 165 10.20 8.35 -9.89
C LYS B 165 8.73 8.36 -9.66
N MET B 166 8.18 7.14 -9.64
CA MET B 166 6.73 6.90 -9.57
C MET B 166 6.32 6.46 -8.18
N PRO B 167 5.17 6.96 -7.69
CA PRO B 167 4.52 6.34 -6.55
C PRO B 167 3.96 4.99 -6.94
N PRO B 168 3.63 4.15 -5.91
CA PRO B 168 2.97 2.87 -6.24
C PRO B 168 1.56 3.06 -6.69
N TYR B 169 1.14 2.18 -7.60
CA TYR B 169 -0.26 2.01 -7.95
C TYR B 169 -0.75 0.68 -7.52
N PHE B 170 -2.09 0.59 -7.42
CA PHE B 170 -2.78 -0.57 -6.74
C PHE B 170 -3.89 -1.16 -7.51
N ASP B 171 -4.05 -0.74 -8.77
CA ASP B 171 -5.23 -1.05 -9.60
C ASP B 171 -4.71 -1.22 -11.04
N ILE B 172 -5.12 -2.31 -11.70
CA ILE B 172 -4.52 -2.63 -12.99
C ILE B 172 -4.92 -1.54 -13.99
N ALA B 173 -6.11 -0.98 -13.88
CA ALA B 173 -6.45 0.09 -14.85
C ALA B 173 -5.52 1.28 -14.67
N HIS B 174 -5.10 1.56 -13.42
CA HIS B 174 -4.12 2.62 -13.21
C HIS B 174 -2.75 2.29 -13.79
N PHE B 175 -2.30 1.04 -13.66
CA PHE B 175 -1.04 0.64 -14.34
C PHE B 175 -1.20 0.93 -15.87
N ASP B 176 -2.34 0.54 -16.42
CA ASP B 176 -2.49 0.67 -17.88
C ASP B 176 -2.47 2.19 -18.27
N THR B 177 -3.14 3.05 -17.49
CA THR B 177 -3.26 4.47 -17.85
C THR B 177 -1.88 5.13 -17.64
N ALA B 178 -1.23 4.80 -16.53
CA ALA B 178 0.02 5.47 -16.19
C ALA B 178 1.09 5.08 -17.17
N ALA B 179 1.19 3.79 -17.52
CA ALA B 179 2.20 3.38 -18.46
C ALA B 179 1.97 3.98 -19.85
N ALA B 180 0.69 4.10 -20.21
CA ALA B 180 0.35 4.67 -21.55
C ALA B 180 0.79 6.13 -21.55
N VAL B 181 0.58 6.85 -20.46
CA VAL B 181 1.12 8.25 -20.37
C VAL B 181 2.65 8.24 -20.56
N LEU B 182 3.41 7.41 -19.80
CA LEU B 182 4.81 7.41 -19.93
C LEU B 182 5.31 7.10 -21.30
N ASN B 183 4.62 6.18 -21.97
CA ASN B 183 4.99 5.73 -23.28
C ASN B 183 4.76 6.83 -24.32
N GLU B 184 4.07 7.88 -23.96
CA GLU B 184 3.94 9.04 -24.92
C GLU B 184 5.21 9.79 -25.03
N PHE B 185 6.15 9.59 -24.10
CA PHE B 185 7.37 10.41 -23.96
C PHE B 185 8.63 9.68 -24.20
N PRO B 186 9.17 9.77 -25.41
CA PRO B 186 10.32 9.01 -25.74
C PRO B 186 11.61 9.35 -25.00
N LEU B 187 11.68 10.54 -24.45
CA LEU B 187 12.87 10.93 -23.68
C LEU B 187 12.77 10.30 -22.26
N VAL B 188 11.62 9.73 -21.89
CA VAL B 188 11.57 9.05 -20.54
C VAL B 188 12.16 7.69 -20.75
N LYS B 189 13.41 7.48 -20.38
CA LYS B 189 14.11 6.26 -20.69
C LYS B 189 14.17 5.28 -19.46
N PHE B 190 13.87 5.78 -18.28
CA PHE B 190 13.77 4.86 -17.10
C PHE B 190 12.67 5.30 -16.22
N VAL B 191 12.04 4.31 -15.55
CA VAL B 191 10.93 4.52 -14.67
C VAL B 191 11.40 3.89 -13.33
N THR B 192 11.40 4.65 -12.27
CA THR B 192 11.83 4.07 -10.93
C THR B 192 10.55 3.80 -10.16
N CYS B 193 10.34 2.52 -9.85
CA CYS B 193 9.16 2.03 -9.11
C CYS B 193 9.68 1.40 -7.87
N VAL B 194 9.44 1.89 -6.64
CA VAL B 194 8.45 2.85 -6.26
C VAL B 194 9.00 3.82 -5.22
N ASN B 195 8.33 4.98 -5.13
CA ASN B 195 8.38 5.84 -3.95
C ASN B 195 7.68 5.17 -2.77
N SER B 196 7.76 5.78 -1.65
CA SER B 196 7.08 5.26 -0.45
C SER B 196 5.59 5.06 -0.66
N VAL B 197 5.06 4.12 0.05
CA VAL B 197 3.59 3.88 0.05
C VAL B 197 2.94 4.98 0.93
N GLY B 198 2.13 5.79 0.31
CA GLY B 198 1.73 7.05 0.91
C GLY B 198 0.82 6.91 2.13
N ASN B 199 1.03 7.87 3.02
CA ASN B 199 0.11 8.07 4.10
C ASN B 199 -0.29 6.85 4.92
N GLY B 200 0.70 6.09 5.36
CA GLY B 200 0.49 5.18 6.41
C GLY B 200 0.58 5.84 7.79
N LEU B 201 0.32 5.05 8.83
CA LEU B 201 0.24 5.56 10.18
C LEU B 201 0.80 4.53 11.11
N VAL B 202 1.90 4.89 11.76
CA VAL B 202 2.47 4.01 12.78
C VAL B 202 2.13 4.61 14.16
N ILE B 203 1.65 3.72 15.03
CA ILE B 203 1.27 4.08 16.41
C ILE B 203 2.07 3.23 17.38
N ASP B 204 2.57 3.87 18.41
CA ASP B 204 3.27 3.18 19.50
C ASP B 204 2.26 2.83 20.62
N ALA B 205 2.16 1.55 20.92
CA ALA B 205 1.21 1.10 21.90
C ALA B 205 1.48 1.63 23.32
N GLU B 206 2.73 1.65 23.69
CA GLU B 206 3.00 2.03 25.07
C GLU B 206 2.59 3.47 25.33
N SER B 207 3.00 4.33 24.41
CA SER B 207 2.76 5.73 24.52
C SER B 207 1.38 6.16 24.06
N GLU B 208 0.74 5.30 23.28
CA GLU B 208 -0.55 5.62 22.65
C GLU B 208 -0.47 6.81 21.69
N SER B 209 0.68 6.95 21.07
CA SER B 209 0.99 8.09 20.25
C SER B 209 1.51 7.72 18.85
N VAL B 210 1.18 8.58 17.88
CA VAL B 210 1.88 8.47 16.62
C VAL B 210 3.38 8.74 16.84
N VAL B 211 4.21 8.41 15.84
CA VAL B 211 5.67 8.41 16.03
C VAL B 211 6.42 9.48 15.27
N ILE B 212 5.73 10.14 14.35
CA ILE B 212 6.25 11.29 13.69
C ILE B 212 5.32 12.47 13.94
N LYS B 213 5.90 13.65 13.96
CA LYS B 213 5.20 14.87 14.30
C LYS B 213 4.35 15.46 13.16
N PRO B 214 4.90 15.56 11.94
CA PRO B 214 4.13 16.20 10.88
C PRO B 214 2.85 15.41 10.56
N LYS B 215 1.84 16.14 10.02
CA LYS B 215 0.68 15.48 9.44
C LYS B 215 -0.08 14.53 10.36
N GLN B 216 -0.12 14.83 11.63
CA GLN B 216 -0.78 13.96 12.62
C GLN B 216 -0.29 12.54 12.61
N GLY B 217 0.97 12.38 12.23
CA GLY B 217 1.64 11.08 12.30
C GLY B 217 1.59 10.33 10.97
N PHE B 218 0.89 10.84 9.98
CA PHE B 218 0.77 10.20 8.64
C PHE B 218 2.05 10.41 7.82
N GLY B 219 2.55 9.37 7.16
CA GLY B 219 3.73 9.50 6.29
C GLY B 219 3.95 8.32 5.42
N GLY B 220 4.92 8.46 4.53
CA GLY B 220 5.23 7.41 3.56
C GLY B 220 5.97 6.25 4.20
N LEU B 221 5.55 5.04 3.78
CA LEU B 221 6.11 3.79 4.29
C LEU B 221 7.19 3.30 3.33
N GLY B 222 8.24 2.81 3.94
CA GLY B 222 9.28 2.06 3.22
C GLY B 222 9.63 0.77 3.93
N GLY B 223 10.50 -0.01 3.29
CA GLY B 223 11.02 -1.21 3.95
C GLY B 223 10.24 -2.48 3.69
N LYS B 224 10.33 -3.43 4.64
CA LYS B 224 9.70 -4.71 4.42
C LYS B 224 8.20 -4.66 4.15
N TYR B 225 7.47 -3.72 4.74
CA TYR B 225 6.10 -3.54 4.44
C TYR B 225 5.75 -3.50 2.92
N ILE B 226 6.68 -2.94 2.10
CA ILE B 226 6.34 -2.60 0.78
C ILE B 226 6.91 -3.44 -0.34
N LEU B 227 7.65 -4.48 0.02
CA LEU B 227 8.38 -5.27 -1.04
C LEU B 227 7.40 -5.85 -2.07
N PRO B 228 6.24 -6.47 -1.66
CA PRO B 228 5.39 -7.03 -2.73
C PRO B 228 4.70 -5.96 -3.64
N THR B 229 4.42 -4.80 -3.06
CA THR B 229 3.91 -3.61 -3.73
C THR B 229 4.97 -3.17 -4.76
N ALA B 230 6.19 -3.06 -4.32
CA ALA B 230 7.29 -2.61 -5.17
C ALA B 230 7.56 -3.58 -6.34
N LEU B 231 7.56 -4.90 -6.06
CA LEU B 231 7.74 -5.90 -7.10
C LEU B 231 6.61 -5.88 -8.11
N ALA B 232 5.41 -5.62 -7.66
CA ALA B 232 4.23 -5.56 -8.58
C ALA B 232 4.36 -4.38 -9.48
N ASN B 233 4.79 -3.23 -8.94
CA ASN B 233 4.92 -2.07 -9.81
C ASN B 233 6.09 -2.18 -10.78
N VAL B 234 7.20 -2.73 -10.31
CA VAL B 234 8.34 -3.00 -11.19
C VAL B 234 7.85 -3.88 -12.35
N ASN B 235 7.22 -4.97 -12.06
CA ASN B 235 6.82 -5.90 -13.11
C ASN B 235 5.76 -5.33 -13.99
N ALA B 236 4.80 -4.57 -13.42
CA ALA B 236 3.75 -4.00 -14.24
C ALA B 236 4.27 -3.04 -15.27
N PHE B 237 5.22 -2.19 -14.87
CA PHE B 237 5.83 -1.24 -15.81
C PHE B 237 6.82 -1.93 -16.69
N TYR B 238 7.51 -2.96 -16.23
CA TYR B 238 8.44 -3.71 -17.10
C TYR B 238 7.64 -4.27 -18.27
N ARG B 239 6.47 -4.87 -17.96
CA ARG B 239 5.63 -5.48 -19.00
C ARG B 239 5.05 -4.39 -19.96
N ARG B 240 4.71 -3.24 -19.43
CA ARG B 240 4.03 -2.21 -20.25
C ARG B 240 4.94 -1.25 -20.99
N CYS B 241 6.21 -1.21 -20.62
CA CYS B 241 7.15 -0.17 -21.16
C CYS B 241 8.36 -0.90 -21.70
N PRO B 242 8.15 -1.65 -22.78
CA PRO B 242 9.27 -2.41 -23.33
C PRO B 242 10.41 -1.63 -23.87
N ASP B 243 10.23 -0.37 -24.26
CA ASP B 243 11.33 0.46 -24.73
C ASP B 243 11.98 1.34 -23.62
N LYS B 244 11.64 1.10 -22.34
CA LYS B 244 12.21 1.85 -21.22
C LYS B 244 12.92 0.87 -20.29
N LEU B 245 13.81 1.36 -19.43
CA LEU B 245 14.32 0.60 -18.32
C LEU B 245 13.39 0.85 -17.14
N VAL B 246 13.36 -0.13 -16.20
CA VAL B 246 12.69 0.04 -14.93
C VAL B 246 13.75 -0.14 -13.86
N PHE B 247 13.76 0.78 -12.91
CA PHE B 247 14.67 0.76 -11.75
C PHE B 247 13.77 0.35 -10.59
N GLY B 248 14.19 -0.63 -9.77
CA GLY B 248 13.39 -1.06 -8.67
C GLY B 248 13.80 -0.39 -7.41
N CYS B 249 12.83 -0.06 -6.61
CA CYS B 249 13.05 0.53 -5.33
C CYS B 249 11.94 0.04 -4.43
N GLY B 250 12.24 -0.45 -3.23
CA GLY B 250 11.26 -0.78 -2.20
C GLY B 250 11.56 -2.10 -1.54
N GLY B 251 11.88 -2.07 -0.25
CA GLY B 251 11.95 -3.30 0.47
C GLY B 251 13.18 -4.13 0.28
N VAL B 252 14.24 -3.49 -0.24
CA VAL B 252 15.48 -4.26 -0.47
C VAL B 252 16.33 -4.23 0.80
N TYR B 253 16.51 -5.40 1.42
CA TYR B 253 17.43 -5.52 2.58
C TYR B 253 18.52 -6.54 2.31
N SER B 254 18.34 -7.33 1.27
CA SER B 254 19.22 -8.46 0.99
C SER B 254 19.41 -8.66 -0.50
N GLY B 255 20.43 -9.44 -0.82
CA GLY B 255 20.68 -9.82 -2.18
C GLY B 255 19.51 -10.61 -2.75
N GLU B 256 18.86 -11.39 -1.90
CA GLU B 256 17.69 -12.11 -2.34
C GLU B 256 16.58 -11.13 -2.73
N ASP B 257 16.42 -10.07 -1.96
CA ASP B 257 15.38 -9.08 -2.32
C ASP B 257 15.74 -8.40 -3.66
N ALA B 258 17.02 -8.11 -3.82
CA ALA B 258 17.48 -7.52 -5.07
C ALA B 258 17.24 -8.48 -6.26
N PHE B 259 17.54 -9.75 -6.02
CA PHE B 259 17.27 -10.79 -7.01
C PHE B 259 15.80 -10.80 -7.47
N LEU B 260 14.88 -10.63 -6.53
CA LEU B 260 13.47 -10.66 -6.86
C LEU B 260 13.15 -9.37 -7.65
N HIS B 261 13.71 -8.21 -7.28
CA HIS B 261 13.50 -7.01 -8.10
C HIS B 261 13.95 -7.22 -9.52
N ILE B 262 15.13 -7.83 -9.69
CA ILE B 262 15.66 -8.02 -11.04
C ILE B 262 14.81 -9.05 -11.82
N LEU B 263 14.37 -10.11 -11.17
CA LEU B 263 13.48 -11.06 -11.80
C LEU B 263 12.21 -10.40 -12.28
N ALA B 264 11.72 -9.40 -11.50
CA ALA B 264 10.51 -8.67 -11.85
C ALA B 264 10.72 -7.73 -13.04
N GLY B 265 11.98 -7.36 -13.30
CA GLY B 265 12.33 -6.49 -14.38
C GLY B 265 13.34 -5.37 -14.10
N ALA B 266 13.81 -5.23 -12.89
CA ALA B 266 14.65 -4.10 -12.52
C ALA B 266 16.04 -4.18 -13.18
N SER B 267 16.45 -3.00 -13.69
CA SER B 267 17.84 -2.84 -14.20
C SER B 267 18.73 -2.35 -13.06
N MET B 268 18.44 -1.23 -12.47
CA MET B 268 19.13 -0.81 -11.25
C MET B 268 18.18 -1.11 -10.07
N VAL B 269 18.75 -1.23 -8.87
CA VAL B 269 18.07 -1.57 -7.63
C VAL B 269 18.49 -0.53 -6.58
N GLN B 270 17.49 0.19 -6.08
CA GLN B 270 17.73 1.30 -5.16
C GLN B 270 17.44 0.81 -3.73
N VAL B 271 18.17 1.36 -2.76
CA VAL B 271 18.05 0.96 -1.40
C VAL B 271 17.80 2.18 -0.51
N GLY B 272 16.65 2.23 0.18
CA GLY B 272 16.26 3.36 0.96
C GLY B 272 16.42 3.04 2.47
N THR B 273 15.29 2.59 3.06
CA THR B 273 15.19 2.29 4.51
C THR B 273 16.38 1.44 4.94
N ALA B 274 16.69 0.38 4.21
CA ALA B 274 17.73 -0.51 4.72
C ALA B 274 19.08 0.18 4.81
N LEU B 275 19.33 1.05 3.84
CA LEU B 275 20.54 1.87 3.83
C LEU B 275 20.56 2.92 4.98
N GLN B 276 19.41 3.50 5.24
CA GLN B 276 19.32 4.46 6.32
C GLN B 276 19.68 3.74 7.63
N GLU B 277 19.18 2.54 7.75
CA GLU B 277 19.37 1.78 8.97
C GLU B 277 20.74 1.14 9.16
N GLU B 278 21.26 0.61 8.07
CA GLU B 278 22.53 -0.14 8.12
C GLU B 278 23.78 0.65 7.78
N GLY B 279 23.59 1.70 7.01
CA GLY B 279 24.66 2.49 6.54
C GLY B 279 25.26 1.91 5.25
N PRO B 280 26.24 2.60 4.65
CA PRO B 280 26.72 2.28 3.33
C PRO B 280 27.51 1.00 3.11
N GLY B 281 27.91 0.41 4.22
CA GLY B 281 28.41 -0.99 4.24
C GLY B 281 27.42 -1.96 3.65
N ILE B 282 26.11 -1.63 3.66
CA ILE B 282 25.17 -2.55 3.09
C ILE B 282 25.52 -2.91 1.66
N PHE B 283 26.15 -2.03 0.93
CA PHE B 283 26.36 -2.31 -0.48
C PHE B 283 27.31 -3.47 -0.75
N THR B 284 28.33 -3.63 0.06
CA THR B 284 29.18 -4.78 -0.14
C THR B 284 28.48 -6.09 0.20
N ARG B 285 27.61 -6.08 1.22
CA ARG B 285 26.83 -7.24 1.57
C ARG B 285 25.83 -7.56 0.49
N LEU B 286 25.12 -6.57 -0.03
CA LEU B 286 24.20 -6.86 -1.11
C LEU B 286 24.82 -7.47 -2.37
N GLU B 287 25.98 -6.97 -2.75
CA GLU B 287 26.73 -7.45 -3.90
C GLU B 287 27.08 -8.91 -3.66
N ASP B 288 27.64 -9.20 -2.49
CA ASP B 288 28.10 -10.53 -2.18
C ASP B 288 26.92 -11.50 -2.21
N GLU B 289 25.81 -11.11 -1.54
CA GLU B 289 24.66 -11.92 -1.49
C GLU B 289 24.06 -12.17 -2.88
N LEU B 290 23.95 -11.15 -3.71
CA LEU B 290 23.41 -11.29 -5.03
C LEU B 290 24.32 -12.27 -5.87
N LEU B 291 25.65 -12.08 -5.77
CA LEU B 291 26.54 -12.95 -6.52
C LEU B 291 26.46 -14.39 -6.01
N GLU B 292 26.24 -14.60 -4.72
CA GLU B 292 26.04 -15.95 -4.14
C GLU B 292 24.81 -16.65 -4.68
N ILE B 293 23.70 -15.95 -4.75
CA ILE B 293 22.46 -16.52 -5.32
C ILE B 293 22.65 -16.81 -6.83
N MET B 294 23.31 -15.91 -7.55
CA MET B 294 23.59 -16.14 -8.97
C MET B 294 24.40 -17.44 -9.09
N ALA B 295 25.46 -17.52 -8.30
CA ALA B 295 26.38 -18.68 -8.39
C ALA B 295 25.63 -19.98 -8.12
N ARG B 296 24.78 -19.99 -7.11
CA ARG B 296 24.07 -21.21 -6.72
C ARG B 296 23.16 -21.65 -7.88
N LYS B 297 22.59 -20.69 -8.60
CA LYS B 297 21.67 -20.93 -9.68
C LYS B 297 22.35 -21.15 -11.05
N GLY B 298 23.63 -20.84 -11.18
CA GLY B 298 24.29 -20.96 -12.44
C GLY B 298 24.18 -19.74 -13.30
N TYR B 299 23.73 -18.59 -12.74
CA TYR B 299 23.56 -17.44 -13.60
C TYR B 299 24.89 -16.67 -13.65
N ARG B 300 25.33 -16.30 -14.85
CA ARG B 300 26.55 -15.51 -14.97
C ARG B 300 26.31 -14.00 -15.19
N THR B 301 25.13 -13.61 -15.62
CA THR B 301 24.84 -12.25 -15.93
C THR B 301 23.46 -11.91 -15.34
N LEU B 302 23.18 -10.61 -15.20
CA LEU B 302 21.91 -10.16 -14.72
C LEU B 302 20.93 -10.28 -15.85
N GLU B 303 21.40 -10.14 -17.11
CA GLU B 303 20.46 -10.15 -18.20
C GLU B 303 19.89 -11.57 -18.42
N GLU B 304 20.54 -12.58 -17.89
CA GLU B 304 20.03 -13.92 -18.01
C GLU B 304 18.70 -14.11 -17.31
N PHE B 305 18.47 -13.34 -16.27
CA PHE B 305 17.24 -13.50 -15.46
C PHE B 305 16.38 -12.25 -15.28
N ARG B 306 16.84 -11.13 -15.79
CA ARG B 306 16.08 -9.93 -15.59
C ARG B 306 14.71 -10.05 -16.27
N GLY B 307 13.67 -9.81 -15.52
CA GLY B 307 12.34 -9.89 -16.04
C GLY B 307 11.81 -11.28 -16.33
N ARG B 308 12.54 -12.29 -15.90
CA ARG B 308 12.18 -13.64 -16.23
C ARG B 308 11.35 -14.36 -15.15
N VAL B 309 10.77 -13.59 -14.25
CA VAL B 309 9.83 -14.18 -13.29
C VAL B 309 8.86 -15.07 -14.06
N LYS B 310 8.69 -16.28 -13.53
CA LYS B 310 7.74 -17.22 -14.08
C LYS B 310 6.31 -17.06 -13.56
N THR B 311 5.37 -17.22 -14.45
CA THR B 311 3.93 -17.26 -14.01
C THR B 311 3.48 -18.70 -14.05
N ILE B 312 2.33 -18.97 -13.42
CA ILE B 312 1.83 -20.36 -13.32
C ILE B 312 0.80 -20.56 -14.42
N GLU B 313 1.03 -21.59 -15.24
CA GLU B 313 0.25 -21.88 -16.44
C GLU B 313 0.16 -20.71 -17.42
OAB W7I C . -10.83 -12.24 -4.58
CAQ W7I C . -11.75 -12.06 -3.76
OAE W7I C . -12.76 -12.84 -3.63
CAT W7I C . -11.57 -10.88 -2.88
NAN W7I C . -10.31 -10.82 -2.23
CAV W7I C . -10.00 -9.76 -1.42
OAC W7I C . -8.87 -9.69 -0.91
NAO W7I C . -10.95 -8.84 -1.24
CAW W7I C . -12.22 -8.82 -1.85
OAD W7I C . -13.03 -7.92 -1.62
CAU W7I C . -12.51 -9.88 -2.71
CAM W7I C . -13.74 -9.93 -3.40
CAL W7I C . -13.89 -8.76 -4.50
CAR W7I C . -13.02 -9.01 -5.59
CAJ W7I C . -13.41 -9.88 -6.61
CAX W7I C . -12.49 -10.22 -7.63
CAH W7I C . -12.89 -11.05 -8.66
CAF W7I C . -11.96 -11.43 -9.69
CAG W7I C . -10.63 -10.96 -9.69
CAI W7I C . -10.22 -10.11 -8.65
CAY W7I C . -11.18 -9.77 -7.62
CAK W7I C . -10.77 -8.92 -6.60
CAS W7I C . -11.67 -8.59 -5.57
OAP W7I C . -11.24 -7.72 -4.63
CAA W7I C . -10.80 -6.48 -5.38
C1 GOL D . -15.63 -23.99 16.24
C1 GOL D . -15.16 -24.43 16.99
O1 GOL D . -15.63 -25.15 15.34
O1 GOL D . -15.41 -24.84 15.61
C2 GOL D . -14.31 -23.75 16.97
C2 GOL D . -14.27 -23.21 17.09
O2 GOL D . -13.98 -24.83 17.80
O2 GOL D . -15.00 -22.12 16.59
C3 GOL D . -14.36 -22.43 17.72
C3 GOL D . -13.79 -22.90 18.51
O3 GOL D . -13.07 -22.01 18.21
O3 GOL D . -12.79 -21.84 18.54
C1 GOL E . -2.95 13.88 7.48
O1 GOL E . -2.51 15.23 7.33
C2 GOL E . -4.44 13.92 7.75
O2 GOL E . -5.12 14.24 6.54
C3 GOL E . -5.10 12.65 8.21
O3 GOL E . -6.39 12.98 8.77
C1 GOL F . -0.04 -7.06 -14.56
O1 GOL F . 0.73 -6.71 -15.68
C2 GOL F . -1.31 -7.82 -14.95
O2 GOL F . -2.14 -6.84 -15.66
C3 GOL F . -1.99 -8.36 -13.68
O3 GOL F . -3.15 -9.08 -14.00
C1 GOL G . -14.31 12.23 14.97
O1 GOL G . -13.07 12.41 15.68
C2 GOL G . -15.39 12.08 16.05
O2 GOL G . -14.80 11.72 17.29
C3 GOL G . -16.44 11.03 15.67
O3 GOL G . -16.76 10.07 16.68
C1 GOL H . -20.26 2.15 20.65
O1 GOL H . -20.23 3.41 19.94
C2 GOL H . -19.88 2.32 22.13
O2 GOL H . -19.97 3.70 22.59
C3 GOL H . -20.78 1.49 23.05
O3 GOL H . -20.30 0.20 23.30
C1 GOL I . 7.46 -16.84 -1.52
O1 GOL I . 7.75 -18.28 -1.33
C2 GOL I . 8.40 -15.82 -0.83
O2 GOL I . 9.31 -16.58 -0.12
C3 GOL I . 7.79 -14.85 0.17
O3 GOL I . 8.74 -14.11 0.94
C1 GOL J . -6.97 -20.77 1.50
O1 GOL J . -6.48 -21.93 0.84
C2 GOL J . -8.29 -20.32 0.99
O2 GOL J . -8.58 -21.11 -0.17
C3 GOL J . -9.39 -20.63 1.97
O3 GOL J . -10.61 -20.00 1.58
C1 GOL K . 4.27 -18.36 8.21
O1 GOL K . 5.02 -18.39 7.01
C2 GOL K . 2.86 -18.49 7.69
O2 GOL K . 2.72 -19.58 6.77
C3 GOL K . 1.98 -18.82 8.85
O3 GOL K . 0.71 -18.56 8.31
C1 GOL L . 1.38 -6.66 -20.01
O1 GOL L . 1.61 -5.43 -20.69
C2 GOL L . -0.07 -6.73 -19.62
O2 GOL L . -0.88 -6.50 -20.78
C3 GOL L . -0.39 -8.13 -19.16
O3 GOL L . 0.58 -8.60 -18.27
N1 FMN M . -12.83 -8.82 1.62
C2 FMN M . -14.15 -8.66 1.32
O2 FMN M . -14.76 -7.61 1.69
N3 FMN M . -14.85 -9.65 0.73
C4 FMN M . -14.33 -10.88 0.49
O4 FMN M . -15.01 -11.82 -0.04
C4A FMN M . -12.95 -11.08 0.77
N5 FMN M . -12.35 -12.28 0.51
C5A FMN M . -11.08 -12.52 1.01
C6 FMN M . -10.55 -13.81 0.89
C7 FMN M . -9.28 -14.05 1.34
C7M FMN M . -8.64 -15.42 1.27
C8 FMN M . -8.56 -13.00 2.03
C8M FMN M . -7.19 -13.29 2.51
C9 FMN M . -9.08 -11.70 2.12
C9A FMN M . -10.35 -11.46 1.63
N10 FMN M . -10.92 -10.18 1.76
C10 FMN M . -12.24 -10.00 1.42
C1' FMN M . -10.24 -9.07 2.42
C2' FMN M . -10.28 -9.26 3.94
O2' FMN M . -11.64 -9.10 4.37
C3' FMN M . -9.42 -8.22 4.59
O3' FMN M . -10.00 -6.91 4.26
C4' FMN M . -7.95 -8.21 4.15
O4' FMN M . -7.47 -9.57 4.08
C5' FMN M . -7.09 -7.46 5.22
O5' FMN M . -7.15 -7.98 6.54
P FMN M . -5.94 -8.87 7.12
O1P FMN M . -6.45 -9.28 8.51
O2P FMN M . -4.72 -8.03 7.05
O3P FMN M . -5.88 -10.04 6.14
CO NCO N . -5.17 -23.84 8.73
N1 NCO N . -6.71 -25.08 9.19
N2 NCO N . -3.59 -22.59 8.24
N3 NCO N . -6.35 -22.92 7.37
N4 NCO N . -5.75 -22.45 10.15
N5 NCO N . -4.02 -24.75 10.07
N6 NCO N . -4.56 -25.23 7.28
OAB W7I O . 9.13 13.83 2.62
CAQ W7I O . 9.92 13.81 1.65
OAE W7I O . 10.92 14.59 1.51
CAT W7I O . 9.75 12.73 0.69
NAN W7I O . 9.61 11.46 1.31
CAV W7I O . 9.38 10.35 0.52
OAC W7I O . 9.14 9.23 1.03
NAO W7I O . 9.31 10.50 -0.81
CAW W7I O . 9.51 11.73 -1.45
OAD W7I O . 9.46 11.70 -2.64
CAU W7I O . 9.70 12.87 -0.69
CAM W7I O . 9.81 14.21 -1.38
CAL W7I O . 8.39 14.63 -1.93
CAR W7I O . 7.43 14.82 -0.87
CAJ W7I O . 7.31 16.09 -0.27
CAX W7I O . 6.44 16.28 0.87
CAH W7I O . 6.36 17.58 1.42
CAF W7I O . 5.49 17.81 2.51
CAG W7I O . 4.70 16.78 3.05
CAI W7I O . 4.77 15.48 2.50
CAY W7I O . 5.66 15.25 1.39
CAK W7I O . 5.72 13.97 0.74
CAS W7I O . 6.63 13.77 -0.37
OAP W7I O . 6.80 12.57 -1.09
CAA W7I O . 5.93 11.39 -0.70
C1 GOL P . 10.85 -5.33 -22.30
O1 GOL P . 12.20 -4.86 -22.14
C2 GOL P . 10.71 -6.84 -22.05
O2 GOL P . 11.08 -7.57 -23.22
C3 GOL P . 9.32 -7.33 -21.62
O3 GOL P . 8.35 -6.31 -21.37
C1 GOL Q . 4.21 0.10 -26.40
O1 GOL Q . 3.28 -0.87 -25.85
C2 GOL Q . 3.68 1.55 -26.48
O2 GOL Q . 2.30 1.53 -26.88
C3 GOL Q . 4.53 2.43 -27.43
O3 GOL Q . 4.13 3.83 -27.56
C1 GOL R . 28.60 9.74 -15.81
O1 GOL R . 28.75 10.99 -16.50
C2 GOL R . 29.64 8.64 -15.97
O2 GOL R . 30.86 9.02 -16.62
C3 GOL R . 29.85 8.34 -14.53
O3 GOL R . 30.68 7.33 -14.09
C1 GOL S . 6.06 2.20 17.31
O1 GOL S . 6.89 2.24 18.48
C2 GOL S . 5.52 0.78 16.95
O2 GOL S . 5.90 -0.10 17.97
C3 GOL S . 5.96 0.21 15.60
O3 GOL S . 5.66 -1.20 15.37
C1 GOL T . 6.58 6.86 20.13
O1 GOL T . 7.81 7.06 19.48
C2 GOL T . 5.84 8.13 20.61
O2 GOL T . 6.14 9.42 19.97
C3 GOL T . 6.00 8.19 22.13
O3 GOL T . 6.36 9.44 22.76
C1 GOL U . 17.94 11.16 7.81
O1 GOL U . 17.80 12.11 6.75
C2 GOL U . 16.78 11.31 8.79
O2 GOL U . 16.77 12.68 9.24
C3 GOL U . 16.95 10.40 9.97
O3 GOL U . 16.25 10.92 11.11
C1 GOL V . 33.27 5.40 -14.28
O1 GOL V . 33.29 6.16 -15.48
C2 GOL V . 32.24 4.29 -14.40
O2 GOL V . 30.93 4.92 -14.66
C3 GOL V . 32.48 3.51 -13.08
O3 GOL V . 31.63 2.37 -12.91
C1 GOL W . -7.81 16.33 10.57
O1 GOL W . -6.96 15.35 9.97
C2 GOL W . -8.83 16.76 9.51
O2 GOL W . -8.11 17.16 8.33
C3 GOL W . -9.78 15.59 9.23
O3 GOL W . -11.16 15.75 9.62
C1 GOL X . 15.36 -3.69 -24.50
O1 GOL X . 15.68 -3.35 -23.14
C2 GOL X . 14.80 -5.12 -24.60
O2 GOL X . 15.75 -5.96 -25.27
C3 GOL X . 13.48 -5.15 -25.37
O3 GOL X . 13.56 -4.31 -26.54
C1 GOL Y . 4.02 19.28 12.14
O1 GOL Y . 3.63 20.11 13.20
C2 GOL Y . 3.55 19.90 10.82
O2 GOL Y . 4.50 19.70 9.78
C3 GOL Y . 2.22 19.28 10.35
O3 GOL Y . 2.35 18.85 9.02
C1 GOL Z . -3.87 17.70 1.88
O1 GOL Z . -5.22 18.10 1.59
C2 GOL Z . -3.07 17.43 0.63
O2 GOL Z . -1.82 16.81 1.03
C3 GOL Z . -3.76 16.58 -0.46
O3 GOL Z . -5.12 16.92 -0.88
N1 FMN AA . 12.01 9.60 -2.66
C2 FMN AA . 12.30 10.58 -3.56
O2 FMN AA . 12.11 10.31 -4.75
N3 FMN AA . 12.80 11.78 -3.19
C4 FMN AA . 13.16 12.06 -1.96
O4 FMN AA . 13.70 13.16 -1.59
C4A FMN AA . 12.89 11.06 -0.95
N5 FMN AA . 13.20 11.26 0.32
C5A FMN AA . 13.15 10.21 1.21
C6 FMN AA . 13.56 10.39 2.50
C7 FMN AA . 13.54 9.38 3.45
C7M FMN AA . 14.02 9.61 4.85
C8 FMN AA . 12.94 8.14 3.09
C8M FMN AA . 12.87 6.97 4.00
C9 FMN AA . 12.53 7.95 1.76
C9A FMN AA . 12.59 8.95 0.83
N10 FMN AA . 12.12 8.81 -0.47
C10 FMN AA . 12.37 9.78 -1.40
C1' FMN AA . 11.62 7.50 -0.90
C2' FMN AA . 12.71 6.50 -1.19
O2' FMN AA . 13.49 6.98 -2.31
C3' FMN AA . 12.12 5.16 -1.54
O3' FMN AA . 11.32 5.36 -2.75
C4' FMN AA . 11.26 4.55 -0.45
O4' FMN AA . 11.85 4.77 0.85
C5' FMN AA . 11.04 3.02 -0.62
O5' FMN AA . 12.25 2.34 -0.69
P FMN AA . 12.70 1.49 0.65
O1P FMN AA . 14.06 1.00 0.30
O2P FMN AA . 11.66 0.43 0.85
O3P FMN AA . 12.82 2.53 1.74
#